data_8JQS
#
_entry.id   8JQS
#
_cell.length_a   1.00
_cell.length_b   1.00
_cell.length_c   1.00
_cell.angle_alpha   90.00
_cell.angle_beta   90.00
_cell.angle_gamma   90.00
#
_symmetry.space_group_name_H-M   'P 1'
#
loop_
_entity.id
_entity.type
_entity.pdbx_description
1 polymer 'Non-structural protein 1'
2 polymer '14G5 Fab Heavy Chain'
3 polymer '14G5 Fab Light Chain'
#
loop_
_entity_poly.entity_id
_entity_poly.type
_entity_poly.pdbx_seq_one_letter_code
_entity_poly.pdbx_strand_id
1 'polypeptide(L)'
;HHHHHHGCSVDFSKKETRCGTGVFVYNDVEAWRDRYKYHPDSPRRLAAAVKQAWEDGICGISSVSRMENIMWRSVEGELN
AILEENGVQLTVVVGSVKNPMWRGPQRLPVPVNELPHGWKAWGKSYFVRAAKTNNSFVVDGDTLKECPLKHRAWNSFLVE
DHGFGVFHTSVWLKVREDYSLECDPAVIGTAVKGKEAVHSDLGYWIESEKNDTWRLKRAHLIEMKTCEWPKSHTLWTDGI
EESDLIIPKSLAGPLSHHNTREGYRTQMKGPWHSEELEIRFEECPGTKVHVEETCGTRGPSLRSTTASGRVIEEWCCREC
TMPPLSFRAKDGCWYGMEIRPRKEPESNLVRSMVTAGS
;
a,A
2 'polypeptide(L)'
;QVQLVQSGAEVKKPGESLKISCKGSGYSFTSYWIGWVRQMPGKGLEWMGIIYPGDSDTRYSPSFQGQVTMSADRSISTAY
LQWSSLKASDTAMYYCARSNVDGSTDYWGQGTLVTVSS
;
h,H
3 'polypeptide(L)'
;SYELTQPPSVSVSPGQTARITCSGDALPKQYAFWYQQKPGQAPVLVIYKDSERPSGIPERFSGSSSGTTVTLTISGVQAE
DEADYYCQSADSSDTYVPYVFGTGTKVTVL
;
l,L
#
# COMPACT_ATOMS: atom_id res chain seq x y z
N HIS A 5 -17.11 -1.09 20.24
CA HIS A 5 -16.14 -1.85 21.01
C HIS A 5 -15.47 -0.96 22.04
N HIS A 6 -15.52 -1.40 23.29
CA HIS A 6 -15.13 -0.58 24.44
C HIS A 6 -13.93 -1.20 25.13
N GLY A 7 -13.17 -0.37 25.83
CA GLY A 7 -12.02 -0.90 26.54
C GLY A 7 -11.28 0.19 27.28
N CYS A 8 -10.28 -0.25 28.04
CA CYS A 8 -9.42 0.61 28.83
C CYS A 8 -8.01 0.09 28.69
N SER A 9 -7.03 0.99 28.76
CA SER A 9 -5.64 0.63 28.48
C SER A 9 -4.71 1.35 29.45
N VAL A 10 -3.51 0.81 29.59
CA VAL A 10 -2.47 1.39 30.44
C VAL A 10 -1.15 1.37 29.68
N ASP A 11 -0.44 2.49 29.69
CA ASP A 11 0.89 2.61 29.10
C ASP A 11 1.90 2.70 30.23
N PHE A 12 2.92 1.83 30.19
CA PHE A 12 3.84 1.69 31.32
C PHE A 12 5.11 2.52 31.17
N SER A 13 5.34 3.16 30.02
CA SER A 13 6.49 4.03 29.85
C SER A 13 6.17 5.48 30.09
N LYS A 14 5.20 6.04 29.36
CA LYS A 14 4.59 7.32 29.69
C LYS A 14 3.37 7.12 30.57
N LYS A 15 3.60 6.89 31.87
CA LYS A 15 2.59 6.37 32.79
C LYS A 15 1.23 7.05 32.59
N GLU A 16 0.23 6.27 32.21
CA GLU A 16 -1.05 6.82 31.77
C GLU A 16 -2.07 5.71 31.64
N THR A 17 -3.32 6.02 31.99
CA THR A 17 -4.45 5.11 31.86
C THR A 17 -5.57 5.84 31.14
N ARG A 18 -6.29 5.11 30.29
CA ARG A 18 -7.25 5.73 29.38
C ARG A 18 -8.37 4.74 29.11
N CYS A 19 -9.52 5.27 28.68
CA CYS A 19 -10.66 4.43 28.33
C CYS A 19 -11.37 5.02 27.11
N GLY A 20 -12.17 4.20 26.44
CA GLY A 20 -12.93 4.69 25.29
C GLY A 20 -13.38 3.61 24.32
N THR A 21 -13.63 4.00 23.08
CA THR A 21 -14.04 3.10 22.01
C THR A 21 -12.98 3.06 20.92
N GLY A 22 -12.96 1.98 20.15
CA GLY A 22 -12.00 1.90 19.07
C GLY A 22 -11.78 0.52 18.48
N VAL A 23 -10.58 0.26 17.99
CA VAL A 23 -10.20 -0.99 17.37
C VAL A 23 -8.95 -1.50 18.06
N PHE A 24 -8.99 -2.73 18.56
CA PHE A 24 -7.90 -3.28 19.36
C PHE A 24 -7.38 -4.57 18.72
N VAL A 25 -6.06 -4.64 18.58
CA VAL A 25 -5.37 -5.80 18.01
C VAL A 25 -4.55 -6.42 19.14
N TYR A 26 -4.76 -7.71 19.38
CA TYR A 26 -4.17 -8.40 20.52
C TYR A 26 -3.08 -9.36 20.08
N ASN A 27 -2.15 -9.60 20.99
CA ASN A 27 -1.03 -10.52 20.77
C ASN A 27 -1.45 -11.91 21.22
N ASP A 28 -1.89 -12.74 20.28
CA ASP A 28 -2.28 -14.10 20.56
C ASP A 28 -1.20 -15.10 20.19
N VAL A 29 -0.01 -14.62 19.85
CA VAL A 29 1.08 -15.51 19.46
C VAL A 29 1.89 -15.93 20.67
N GLU A 30 2.42 -14.95 21.41
CA GLU A 30 3.05 -15.26 22.69
C GLU A 30 2.00 -15.81 23.64
N ALA A 31 2.34 -16.93 24.29
CA ALA A 31 1.42 -17.67 25.14
C ALA A 31 0.18 -18.11 24.37
N TRP A 32 0.42 -18.67 23.19
CA TRP A 32 -0.64 -19.34 22.44
C TRP A 32 -1.02 -20.63 23.14
N ARG A 33 -2.32 -20.87 23.26
CA ARG A 33 -2.81 -22.04 23.98
C ARG A 33 -4.11 -22.48 23.35
N ASP A 34 -4.87 -23.30 24.06
CA ASP A 34 -6.18 -23.77 23.59
C ASP A 34 -7.24 -22.68 23.83
N ARG A 35 -7.02 -21.53 23.19
CA ARG A 35 -8.00 -20.45 23.30
C ARG A 35 -9.23 -20.67 22.44
N TYR A 36 -9.16 -21.56 21.44
CA TYR A 36 -10.25 -21.73 20.51
C TYR A 36 -10.57 -23.20 20.32
N LYS A 37 -11.85 -23.49 20.07
CA LYS A 37 -12.33 -24.86 19.92
C LYS A 37 -12.98 -24.97 18.54
N TYR A 38 -12.20 -25.53 17.60
CA TYR A 38 -12.46 -25.47 16.16
C TYR A 38 -13.36 -26.58 15.67
N HIS A 39 -14.34 -26.27 14.83
CA HIS A 39 -15.08 -27.36 14.23
C HIS A 39 -15.38 -27.10 12.75
N PRO A 40 -15.41 -28.13 11.95
CA PRO A 40 -15.76 -27.99 10.53
C PRO A 40 -17.24 -27.72 10.33
N ASP A 41 -17.70 -27.75 9.07
CA ASP A 41 -19.07 -27.35 8.76
C ASP A 41 -20.08 -28.20 9.53
N SER A 42 -20.14 -29.49 9.19
CA SER A 42 -21.09 -30.41 9.78
C SER A 42 -20.40 -31.76 9.84
N PRO A 43 -20.73 -32.62 10.80
CA PRO A 43 -20.06 -33.94 10.85
C PRO A 43 -20.31 -34.79 9.62
N ARG A 44 -21.43 -34.62 8.94
CA ARG A 44 -21.75 -35.43 7.77
C ARG A 44 -21.45 -34.73 6.45
N ARG A 45 -21.13 -33.43 6.48
CA ARG A 45 -20.72 -32.76 5.25
C ARG A 45 -19.22 -32.84 5.05
N LEU A 46 -18.46 -32.98 6.14
CA LEU A 46 -17.03 -33.21 6.01
C LEU A 46 -16.74 -34.64 5.63
N ALA A 47 -17.53 -35.59 6.14
CA ALA A 47 -17.36 -36.98 5.77
C ALA A 47 -17.66 -37.20 4.29
N ALA A 48 -18.69 -36.54 3.78
CA ALA A 48 -19.03 -36.65 2.37
C ALA A 48 -17.95 -36.03 1.48
N ALA A 49 -17.39 -34.90 1.91
CA ALA A 49 -16.34 -34.25 1.12
C ALA A 49 -15.04 -35.02 1.18
N VAL A 50 -14.75 -35.67 2.31
CA VAL A 50 -13.56 -36.50 2.41
C VAL A 50 -13.72 -37.77 1.59
N LYS A 51 -14.92 -38.36 1.59
CA LYS A 51 -15.13 -39.56 0.79
C LYS A 51 -14.99 -39.27 -0.69
N GLN A 52 -15.54 -38.15 -1.15
CA GLN A 52 -15.47 -37.83 -2.57
C GLN A 52 -14.05 -37.56 -3.01
N ALA A 53 -13.26 -36.88 -2.16
CA ALA A 53 -11.87 -36.59 -2.52
C ALA A 53 -11.04 -37.86 -2.63
N TRP A 54 -11.38 -38.91 -1.87
CA TRP A 54 -10.66 -40.16 -1.99
C TRP A 54 -10.96 -40.86 -3.30
N GLU A 55 -12.19 -40.76 -3.79
CA GLU A 55 -12.58 -41.35 -5.06
C GLU A 55 -12.17 -40.49 -6.25
N ASP A 56 -11.64 -39.29 -6.02
CA ASP A 56 -11.13 -38.45 -7.08
C ASP A 56 -9.61 -38.43 -7.12
N GLY A 57 -8.95 -39.34 -6.41
CA GLY A 57 -7.51 -39.46 -6.46
C GLY A 57 -6.73 -38.57 -5.52
N ILE A 58 -7.40 -37.94 -4.55
CA ILE A 58 -6.71 -37.15 -3.54
C ILE A 58 -6.37 -38.04 -2.36
N CYS A 59 -5.09 -38.06 -1.98
CA CYS A 59 -4.61 -39.00 -0.98
C CYS A 59 -4.83 -38.49 0.43
N GLY A 60 -4.40 -37.27 0.71
CA GLY A 60 -4.40 -36.77 2.06
C GLY A 60 -4.42 -35.27 2.10
N ILE A 61 -4.02 -34.72 3.25
CA ILE A 61 -4.16 -33.30 3.54
C ILE A 61 -2.82 -32.76 4.00
N SER A 62 -2.43 -31.61 3.46
N SER A 62 -2.43 -31.61 3.46
CA SER A 62 -1.30 -30.83 3.94
CA SER A 62 -1.30 -30.83 3.94
C SER A 62 -1.84 -29.58 4.64
C SER A 62 -1.84 -29.58 4.64
N SER A 63 -1.39 -29.34 5.86
CA SER A 63 -1.98 -28.31 6.71
C SER A 63 -1.38 -26.92 6.47
N VAL A 64 -2.25 -25.92 6.38
N VAL A 64 -2.25 -25.92 6.38
CA VAL A 64 -1.81 -24.55 6.16
CA VAL A 64 -1.81 -24.55 6.16
C VAL A 64 -1.14 -23.99 7.40
C VAL A 64 -1.14 -23.99 7.40
N SER A 65 -1.70 -24.23 8.58
CA SER A 65 -1.21 -23.63 9.81
C SER A 65 -1.25 -24.66 10.92
N ARG A 66 -0.79 -24.25 12.10
CA ARG A 66 -0.98 -25.08 13.29
C ARG A 66 -2.44 -25.18 13.67
N MET A 67 -3.20 -24.12 13.44
CA MET A 67 -4.61 -24.08 13.82
C MET A 67 -5.40 -25.17 13.12
N GLU A 68 -5.18 -25.35 11.82
CA GLU A 68 -5.90 -26.39 11.09
C GLU A 68 -5.49 -27.78 11.55
N ASN A 69 -4.22 -27.97 11.90
CA ASN A 69 -3.77 -29.27 12.38
C ASN A 69 -4.43 -29.67 13.68
N ILE A 70 -4.55 -28.72 14.62
CA ILE A 70 -5.22 -29.01 15.89
C ILE A 70 -6.69 -29.31 15.66
N MET A 71 -7.31 -28.62 14.71
N MET A 71 -7.31 -28.62 14.71
CA MET A 71 -8.71 -28.88 14.37
CA MET A 71 -8.71 -28.88 14.39
C MET A 71 -8.90 -30.27 13.79
C MET A 71 -8.90 -30.27 13.79
N TRP A 72 -7.95 -30.72 12.97
CA TRP A 72 -8.06 -32.07 12.39
C TRP A 72 -7.89 -33.13 13.46
N ARG A 73 -7.04 -32.88 14.46
CA ARG A 73 -6.80 -33.87 15.49
C ARG A 73 -8.02 -34.08 16.38
N SER A 74 -8.72 -33.00 16.71
CA SER A 74 -9.87 -33.10 17.60
C SER A 74 -11.05 -33.80 16.93
N VAL A 75 -11.28 -33.49 15.65
CA VAL A 75 -12.43 -34.02 14.92
C VAL A 75 -12.23 -35.45 14.44
N GLU A 76 -10.99 -35.93 14.46
CA GLU A 76 -10.64 -37.19 13.81
C GLU A 76 -11.46 -38.37 14.34
N GLY A 77 -11.63 -38.44 15.66
CA GLY A 77 -12.34 -39.58 16.24
C GLY A 77 -13.79 -39.64 15.81
N GLU A 78 -14.49 -38.52 15.87
CA GLU A 78 -15.89 -38.47 15.46
C GLU A 78 -16.04 -38.70 13.96
N LEU A 79 -15.09 -38.22 13.16
CA LEU A 79 -15.15 -38.39 11.72
C LEU A 79 -15.11 -39.85 11.31
N ASN A 80 -14.30 -40.66 12.00
CA ASN A 80 -14.23 -42.08 11.73
C ASN A 80 -15.41 -42.86 12.29
N ALA A 81 -16.15 -42.29 13.25
CA ALA A 81 -17.38 -42.91 13.71
C ALA A 81 -18.45 -42.87 12.63
N ILE A 82 -18.62 -41.73 11.99
CA ILE A 82 -19.26 -41.67 10.69
C ILE A 82 -18.27 -42.30 9.73
N LEU A 83 -18.67 -42.56 8.49
CA LEU A 83 -17.91 -43.26 7.47
C LEU A 83 -17.88 -44.75 7.74
N GLU A 84 -18.36 -45.23 8.88
CA GLU A 84 -18.61 -46.66 9.04
C GLU A 84 -20.10 -46.97 9.08
N GLU A 85 -20.93 -46.04 9.53
CA GLU A 85 -22.37 -46.21 9.40
C GLU A 85 -22.82 -46.12 7.96
N ASN A 86 -21.94 -45.67 7.07
CA ASN A 86 -22.21 -45.66 5.64
C ASN A 86 -21.44 -46.74 4.89
N GLY A 87 -20.72 -47.58 5.62
CA GLY A 87 -19.98 -48.67 5.02
C GLY A 87 -18.67 -48.28 4.37
N VAL A 88 -18.31 -47.00 4.42
CA VAL A 88 -17.09 -46.55 3.76
C VAL A 88 -15.87 -47.19 4.41
N GLN A 89 -14.95 -47.68 3.59
CA GLN A 89 -13.68 -48.21 4.06
C GLN A 89 -12.66 -47.09 3.89
N LEU A 90 -12.48 -46.31 4.94
CA LEU A 90 -11.60 -45.15 4.92
C LEU A 90 -11.34 -44.71 6.34
N THR A 91 -10.09 -44.39 6.65
CA THR A 91 -9.69 -43.99 7.99
C THR A 91 -8.82 -42.75 7.90
N VAL A 92 -9.12 -41.76 8.73
CA VAL A 92 -8.34 -40.53 8.77
C VAL A 92 -7.26 -40.65 9.83
N VAL A 93 -6.02 -40.39 9.44
CA VAL A 93 -4.86 -40.53 10.32
C VAL A 93 -4.16 -39.20 10.40
N VAL A 94 -4.08 -38.63 11.59
CA VAL A 94 -3.54 -37.29 11.81
C VAL A 94 -2.17 -37.41 12.47
N GLY A 95 -1.19 -36.74 11.89
CA GLY A 95 0.15 -36.70 12.46
C GLY A 95 0.54 -35.28 12.80
N SER A 96 1.82 -35.04 13.05
CA SER A 96 2.29 -33.71 13.42
C SER A 96 2.82 -32.96 12.21
N VAL A 97 3.02 -31.66 12.40
CA VAL A 97 3.45 -30.76 11.34
C VAL A 97 4.96 -30.55 11.43
N LYS A 98 5.59 -30.37 10.27
CA LYS A 98 7.00 -30.02 10.19
C LYS A 98 7.12 -28.73 9.42
N ASN A 99 7.98 -27.83 9.90
CA ASN A 99 8.19 -26.56 9.22
C ASN A 99 9.22 -26.72 8.10
N PRO A 100 9.05 -26.01 6.97
CA PRO A 100 7.90 -25.20 6.59
C PRO A 100 6.72 -26.05 6.15
N MET A 101 5.51 -25.50 6.15
CA MET A 101 4.33 -26.22 5.69
C MET A 101 4.16 -25.94 4.20
N TRP A 102 4.66 -26.85 3.37
CA TRP A 102 4.70 -26.70 1.93
C TRP A 102 3.30 -26.79 1.33
N ARG A 103 3.11 -26.11 0.21
CA ARG A 103 1.82 -26.03 -0.46
C ARG A 103 1.38 -27.39 -0.99
N GLY A 104 0.17 -27.42 -1.53
CA GLY A 104 -0.36 -28.59 -2.16
C GLY A 104 -1.19 -28.21 -3.37
N PRO A 105 -1.23 -29.07 -4.39
CA PRO A 105 -1.89 -28.68 -5.64
C PRO A 105 -3.41 -28.79 -5.62
N GLN A 106 -3.98 -29.72 -4.86
CA GLN A 106 -5.41 -29.97 -4.94
C GLN A 106 -6.18 -29.17 -3.89
N ARG A 107 -7.50 -29.33 -3.90
CA ARG A 107 -8.39 -28.76 -2.90
C ARG A 107 -9.50 -29.74 -2.61
N LEU A 108 -10.11 -29.60 -1.44
CA LEU A 108 -11.22 -30.48 -1.08
C LEU A 108 -12.49 -30.04 -1.82
N PRO A 109 -13.29 -30.98 -2.30
CA PRO A 109 -14.52 -30.62 -3.01
C PRO A 109 -15.66 -30.30 -2.05
N VAL A 110 -16.67 -29.63 -2.59
CA VAL A 110 -17.90 -29.35 -1.87
C VAL A 110 -18.92 -30.42 -2.27
N PRO A 111 -19.32 -31.31 -1.37
CA PRO A 111 -20.23 -32.39 -1.76
C PRO A 111 -21.58 -31.84 -2.21
N VAL A 112 -22.14 -32.49 -3.24
CA VAL A 112 -23.45 -32.08 -3.72
C VAL A 112 -24.52 -32.36 -2.67
N ASN A 113 -24.36 -33.44 -1.91
CA ASN A 113 -25.27 -33.77 -0.83
C ASN A 113 -24.50 -34.52 0.25
N GLU A 114 -24.95 -34.36 1.50
CA GLU A 114 -24.28 -34.97 2.63
C GLU A 114 -24.52 -36.47 2.65
N LEU A 115 -23.73 -37.16 3.47
CA LEU A 115 -23.89 -38.59 3.64
C LEU A 115 -25.20 -38.89 4.36
N PRO A 116 -25.97 -39.89 3.92
CA PRO A 116 -27.34 -40.05 4.43
C PRO A 116 -27.45 -40.91 5.67
N HIS A 117 -26.69 -40.57 6.70
CA HIS A 117 -26.68 -41.27 7.99
C HIS A 117 -25.79 -40.49 8.94
N GLY A 118 -26.05 -40.65 10.23
CA GLY A 118 -25.25 -40.00 11.24
C GLY A 118 -26.01 -38.95 12.03
N TRP A 119 -25.30 -37.93 12.48
CA TRP A 119 -25.86 -36.93 13.37
C TRP A 119 -25.36 -35.56 12.93
N LYS A 120 -25.97 -34.52 13.50
CA LYS A 120 -25.49 -33.16 13.35
C LYS A 120 -24.74 -32.76 14.61
N ALA A 121 -24.37 -31.48 14.70
CA ALA A 121 -23.87 -30.94 15.97
C ALA A 121 -22.60 -31.61 16.46
N TRP A 122 -21.46 -31.27 15.84
CA TRP A 122 -20.15 -31.75 16.29
C TRP A 122 -20.10 -31.87 17.81
N GLY A 123 -19.54 -32.99 18.28
CA GLY A 123 -19.34 -33.16 19.70
C GLY A 123 -20.36 -34.04 20.38
N LYS A 124 -20.71 -35.17 19.76
CA LYS A 124 -21.58 -36.14 20.40
C LYS A 124 -20.94 -36.65 21.69
N SER A 125 -21.78 -36.86 22.70
CA SER A 125 -21.27 -37.19 24.03
C SER A 125 -20.52 -38.52 24.01
N TYR A 126 -21.15 -39.57 23.48
CA TYR A 126 -20.52 -40.88 23.43
C TYR A 126 -20.83 -41.55 22.11
N PHE A 127 -19.80 -42.12 21.48
CA PHE A 127 -19.94 -42.92 20.28
C PHE A 127 -18.96 -44.09 20.35
N VAL A 128 -19.26 -45.13 19.59
CA VAL A 128 -18.38 -46.30 19.57
C VAL A 128 -17.17 -45.99 18.71
N ARG A 129 -15.98 -46.19 19.26
CA ARG A 129 -14.75 -45.97 18.52
C ARG A 129 -14.67 -46.92 17.34
N ALA A 130 -14.39 -46.37 16.16
CA ALA A 130 -14.38 -47.18 14.95
C ALA A 130 -13.11 -48.02 14.87
N ALA A 131 -13.15 -49.03 14.00
CA ALA A 131 -12.01 -49.91 13.79
C ALA A 131 -11.19 -49.46 12.58
N LYS A 132 -9.94 -49.89 12.56
CA LYS A 132 -9.02 -49.51 11.49
C LYS A 132 -9.42 -50.19 10.18
N THR A 133 -9.00 -49.58 9.08
CA THR A 133 -9.27 -50.12 7.75
C THR A 133 -7.98 -50.28 6.95
N ASN A 134 -8.11 -50.57 5.66
CA ASN A 134 -6.95 -50.67 4.78
C ASN A 134 -6.59 -49.33 4.13
N ASN A 135 -7.55 -48.42 4.01
CA ASN A 135 -7.36 -47.17 3.28
C ASN A 135 -7.16 -46.05 4.29
N SER A 136 -6.13 -45.23 4.08
CA SER A 136 -5.78 -44.17 5.00
C SER A 136 -5.85 -42.83 4.28
N PHE A 137 -6.39 -41.84 4.96
CA PHE A 137 -6.46 -40.47 4.47
C PHE A 137 -5.59 -39.63 5.40
N VAL A 138 -4.32 -39.48 5.05
CA VAL A 138 -3.34 -38.96 5.99
C VAL A 138 -3.39 -37.43 6.01
N VAL A 139 -3.47 -36.87 7.22
CA VAL A 139 -3.28 -35.44 7.43
C VAL A 139 -1.86 -35.23 7.94
N ASP A 140 -1.31 -34.05 7.67
CA ASP A 140 0.13 -33.82 7.59
C ASP A 140 0.90 -34.59 8.65
N GLY A 141 1.80 -35.46 8.19
CA GLY A 141 2.66 -36.21 9.06
C GLY A 141 3.92 -36.60 8.32
N ASP A 142 4.63 -37.59 8.84
CA ASP A 142 5.80 -38.12 8.16
C ASP A 142 5.34 -39.31 7.31
N THR A 143 4.64 -38.99 6.23
CA THR A 143 4.01 -40.00 5.37
C THR A 143 4.14 -39.62 3.91
N LEU A 144 5.30 -39.10 3.51
CA LEU A 144 5.48 -38.64 2.13
C LEU A 144 5.80 -39.77 1.17
N LYS A 145 5.94 -41.00 1.65
CA LYS A 145 6.14 -42.13 0.76
C LYS A 145 4.85 -42.83 0.39
N GLU A 146 3.92 -42.98 1.33
CA GLU A 146 2.65 -43.62 1.01
C GLU A 146 1.79 -42.74 0.12
N CYS A 147 1.89 -41.42 0.25
CA CYS A 147 1.32 -40.55 -0.77
C CYS A 147 2.06 -39.22 -0.78
N PRO A 148 2.51 -38.75 -1.93
CA PRO A 148 3.42 -37.61 -2.00
C PRO A 148 2.68 -36.29 -1.92
N LEU A 149 3.46 -35.21 -1.91
CA LEU A 149 2.93 -33.86 -1.77
C LEU A 149 2.13 -33.41 -2.98
N LYS A 150 2.20 -34.12 -4.10
CA LYS A 150 1.50 -33.72 -5.31
C LYS A 150 0.09 -34.26 -5.39
N HIS A 151 -0.36 -35.04 -4.41
CA HIS A 151 -1.72 -35.55 -4.37
C HIS A 151 -2.46 -35.08 -3.13
N ARG A 152 -2.03 -33.96 -2.55
CA ARG A 152 -2.52 -33.52 -1.24
C ARG A 152 -3.25 -32.19 -1.38
N ALA A 153 -4.40 -32.09 -0.72
CA ALA A 153 -5.15 -30.85 -0.67
C ALA A 153 -4.52 -29.89 0.32
N TRP A 154 -4.74 -28.60 0.09
CA TRP A 154 -4.11 -27.55 0.88
C TRP A 154 -4.97 -26.30 0.78
N ASN A 155 -5.23 -25.65 1.91
CA ASN A 155 -5.97 -24.39 1.95
C ASN A 155 -7.40 -24.53 1.44
N SER A 156 -8.16 -25.46 1.99
CA SER A 156 -9.52 -25.72 1.53
C SER A 156 -10.59 -25.33 2.53
N PHE A 157 -10.21 -24.58 3.58
CA PHE A 157 -11.14 -24.19 4.63
C PHE A 157 -11.16 -22.67 4.76
N LEU A 158 -12.31 -22.17 5.20
CA LEU A 158 -12.53 -20.73 5.33
C LEU A 158 -13.30 -20.49 6.62
N VAL A 159 -12.89 -19.49 7.39
CA VAL A 159 -13.59 -19.14 8.61
C VAL A 159 -14.89 -18.43 8.27
N GLU A 160 -15.97 -18.82 8.93
CA GLU A 160 -17.31 -18.36 8.58
C GLU A 160 -17.48 -16.88 8.95
N ASP A 161 -18.55 -16.27 8.45
CA ASP A 161 -18.70 -14.81 8.47
C ASP A 161 -18.73 -14.28 9.89
N HIS A 162 -19.46 -14.94 10.78
CA HIS A 162 -19.48 -14.58 12.20
C HIS A 162 -18.75 -15.62 13.05
N GLY A 163 -17.88 -16.41 12.43
CA GLY A 163 -17.26 -17.51 13.12
C GLY A 163 -16.14 -17.12 14.06
N PHE A 164 -15.70 -15.86 14.02
CA PHE A 164 -14.58 -15.41 14.83
C PHE A 164 -14.91 -14.08 15.51
N GLY A 165 -14.26 -13.84 16.64
CA GLY A 165 -14.45 -12.60 17.37
C GLY A 165 -13.59 -12.60 18.61
N VAL A 166 -13.64 -11.47 19.32
CA VAL A 166 -12.86 -11.30 20.55
C VAL A 166 -13.37 -12.18 21.68
N PHE A 167 -14.68 -12.26 21.88
CA PHE A 167 -15.28 -13.03 22.98
C PHE A 167 -15.74 -14.40 22.53
N HIS A 168 -15.08 -14.98 21.53
CA HIS A 168 -15.47 -16.26 20.95
C HIS A 168 -14.61 -17.38 21.50
N THR A 169 -15.25 -18.50 21.83
CA THR A 169 -14.55 -19.71 22.24
C THR A 169 -14.48 -20.75 21.13
N SER A 170 -15.49 -20.82 20.28
CA SER A 170 -15.56 -21.79 19.18
C SER A 170 -15.51 -21.04 17.86
N VAL A 171 -14.72 -21.57 16.93
CA VAL A 171 -14.55 -20.98 15.60
C VAL A 171 -15.16 -21.93 14.58
N TRP A 172 -15.98 -21.40 13.69
CA TRP A 172 -16.70 -22.21 12.73
C TRP A 172 -15.99 -22.18 11.38
N LEU A 173 -15.70 -23.35 10.83
CA LEU A 173 -15.00 -23.46 9.55
C LEU A 173 -15.90 -24.07 8.50
N LYS A 174 -15.47 -23.96 7.24
CA LYS A 174 -16.30 -24.35 6.12
C LYS A 174 -15.42 -24.65 4.91
N VAL A 175 -15.82 -25.65 4.13
CA VAL A 175 -15.09 -25.99 2.91
C VAL A 175 -15.40 -24.96 1.83
N ARG A 176 -14.36 -24.29 1.33
CA ARG A 176 -14.52 -23.24 0.34
C ARG A 176 -14.83 -23.83 -1.03
N GLU A 177 -15.42 -22.99 -1.88
CA GLU A 177 -15.81 -23.40 -3.22
C GLU A 177 -14.84 -22.93 -4.30
N ASP A 178 -14.00 -21.95 -4.01
CA ASP A 178 -13.07 -21.37 -4.96
C ASP A 178 -11.69 -22.00 -4.81
N TYR A 179 -10.70 -21.39 -5.44
CA TYR A 179 -9.30 -21.81 -5.34
C TYR A 179 -8.48 -20.58 -5.04
N SER A 180 -7.59 -20.66 -4.05
CA SER A 180 -6.88 -19.49 -3.60
C SER A 180 -5.50 -19.85 -3.07
N LEU A 181 -4.61 -18.86 -3.09
CA LEU A 181 -3.29 -18.95 -2.49
C LEU A 181 -3.10 -18.00 -1.32
N GLU A 182 -4.16 -17.32 -0.90
CA GLU A 182 -4.09 -16.27 0.10
C GLU A 182 -4.30 -16.84 1.50
N CYS A 183 -3.70 -16.19 2.48
CA CYS A 183 -3.94 -16.53 3.87
C CYS A 183 -5.31 -16.00 4.28
N ASP A 184 -5.96 -16.70 5.21
CA ASP A 184 -7.34 -16.41 5.60
C ASP A 184 -7.43 -15.04 6.26
N PRO A 185 -8.26 -14.12 5.75
CA PRO A 185 -8.28 -12.75 6.29
C PRO A 185 -9.03 -12.60 7.61
N ALA A 186 -9.77 -13.60 8.06
CA ALA A 186 -10.59 -13.47 9.25
C ALA A 186 -9.77 -13.39 10.53
N VAL A 187 -8.50 -13.77 10.50
CA VAL A 187 -7.70 -13.88 11.71
C VAL A 187 -6.45 -13.00 11.62
N ILE A 188 -6.48 -11.98 10.78
CA ILE A 188 -5.34 -11.08 10.60
C ILE A 188 -5.69 -9.74 11.23
N GLY A 189 -4.75 -9.19 11.99
CA GLY A 189 -4.89 -7.87 12.55
C GLY A 189 -3.64 -7.03 12.38
N THR A 190 -3.76 -5.89 11.71
CA THR A 190 -2.65 -4.99 11.46
C THR A 190 -3.00 -3.64 12.06
N ALA A 191 -2.04 -2.99 12.70
CA ALA A 191 -2.30 -1.68 13.28
C ALA A 191 -1.02 -0.87 13.36
N VAL A 192 -1.17 0.44 13.20
CA VAL A 192 -0.07 1.39 13.40
C VAL A 192 -0.59 2.53 14.25
N LYS A 193 0.24 3.01 15.16
CA LYS A 193 -0.13 4.13 16.02
C LYS A 193 1.15 4.90 16.36
N GLY A 194 1.34 6.04 15.69
CA GLY A 194 2.50 6.86 15.99
C GLY A 194 3.78 6.41 15.33
N LYS A 195 4.69 5.81 16.11
CA LYS A 195 5.96 5.32 15.60
C LYS A 195 6.10 3.82 15.75
N GLU A 196 5.01 3.09 15.96
CA GLU A 196 5.06 1.65 16.12
C GLU A 196 3.97 1.01 15.28
N ALA A 197 4.30 -0.11 14.63
CA ALA A 197 3.35 -0.82 13.81
C ALA A 197 3.42 -2.31 14.13
N VAL A 198 2.42 -3.06 13.68
CA VAL A 198 2.45 -4.51 13.79
C VAL A 198 1.67 -5.13 12.64
N HIS A 199 2.15 -6.26 12.13
CA HIS A 199 1.41 -7.14 11.24
C HIS A 199 1.29 -8.48 11.95
N SER A 200 0.08 -8.93 12.20
CA SER A 200 -0.08 -10.07 13.08
C SER A 200 -1.22 -10.96 12.62
N ASP A 201 -1.12 -12.23 12.99
CA ASP A 201 -2.23 -13.18 12.88
C ASP A 201 -2.03 -14.23 13.97
N LEU A 202 -2.68 -15.38 13.83
CA LEU A 202 -2.63 -16.40 14.88
C LEU A 202 -1.26 -17.04 15.04
N GLY A 203 -0.32 -16.84 14.13
CA GLY A 203 0.98 -17.46 14.25
C GLY A 203 2.16 -16.52 14.11
N TYR A 204 1.91 -15.26 13.71
CA TYR A 204 2.95 -14.28 13.46
C TYR A 204 2.73 -13.05 14.34
N TRP A 205 3.81 -12.42 14.76
CA TRP A 205 3.75 -11.12 15.44
C TRP A 205 4.99 -10.34 15.00
N ILE A 206 4.81 -9.46 14.02
CA ILE A 206 5.92 -8.77 13.34
C ILE A 206 5.82 -7.28 13.63
N GLU A 207 6.85 -6.72 14.26
CA GLU A 207 6.82 -5.35 14.72
C GLU A 207 7.75 -4.45 13.90
N SER A 208 7.42 -3.17 13.88
CA SER A 208 8.20 -2.18 13.13
C SER A 208 8.33 -0.93 13.97
N GLU A 209 9.28 -0.07 13.59
CA GLU A 209 9.50 1.19 14.27
C GLU A 209 9.92 2.23 13.26
N LYS A 210 10.10 3.45 13.73
CA LYS A 210 10.51 4.58 12.91
C LYS A 210 11.70 5.24 13.59
N ASN A 211 12.91 4.99 13.08
CA ASN A 211 14.10 5.70 13.55
C ASN A 211 14.43 6.88 12.66
N ASP A 212 14.78 6.62 11.40
CA ASP A 212 14.94 7.66 10.40
C ASP A 212 14.11 7.24 9.20
N THR A 213 13.97 5.94 9.04
CA THR A 213 13.03 5.32 8.14
C THR A 213 12.31 4.22 8.90
N TRP A 214 11.28 3.66 8.28
CA TRP A 214 10.57 2.53 8.87
C TRP A 214 11.34 1.25 8.60
N ARG A 215 11.59 0.47 9.65
CA ARG A 215 12.36 -0.76 9.52
C ARG A 215 11.75 -1.84 10.40
N LEU A 216 12.18 -3.07 10.16
CA LEU A 216 11.80 -4.17 11.03
C LEU A 216 12.47 -4.02 12.39
N LYS A 217 11.73 -4.34 13.45
CA LYS A 217 12.24 -4.23 14.81
C LYS A 217 12.47 -5.59 15.44
N ARG A 218 11.45 -6.45 15.47
CA ARG A 218 11.59 -7.84 15.89
C ARG A 218 10.38 -8.60 15.42
N ALA A 219 10.53 -9.90 15.26
CA ALA A 219 9.45 -10.78 14.87
C ALA A 219 9.46 -12.02 15.77
N HIS A 220 8.29 -12.64 15.93
CA HIS A 220 8.17 -13.87 16.68
C HIS A 220 7.21 -14.79 15.94
N LEU A 221 7.74 -15.83 15.32
CA LEU A 221 6.97 -16.77 14.51
C LEU A 221 6.92 -18.11 15.22
N ILE A 222 5.73 -18.68 15.34
CA ILE A 222 5.57 -20.02 15.89
C ILE A 222 5.13 -21.01 14.82
N GLU A 223 5.28 -20.64 13.55
CA GLU A 223 5.00 -21.52 12.43
C GLU A 223 5.60 -20.87 11.19
N MET A 224 5.75 -21.65 10.13
CA MET A 224 6.22 -21.14 8.84
C MET A 224 5.18 -21.49 7.79
N LYS A 225 4.21 -20.60 7.61
CA LYS A 225 3.19 -20.72 6.59
C LYS A 225 3.80 -20.46 5.21
N THR A 226 3.11 -20.93 4.18
CA THR A 226 3.54 -20.65 2.82
C THR A 226 2.40 -20.11 1.98
N CYS A 227 1.36 -19.56 2.62
CA CYS A 227 0.33 -18.84 1.87
C CYS A 227 0.84 -17.42 1.64
N GLU A 228 -0.02 -16.59 1.05
CA GLU A 228 0.33 -15.22 0.73
C GLU A 228 -0.45 -14.26 1.61
N TRP A 229 0.27 -13.29 2.17
CA TRP A 229 -0.36 -12.27 2.99
C TRP A 229 -1.17 -11.33 2.10
N PRO A 230 -2.46 -11.16 2.35
CA PRO A 230 -3.28 -10.29 1.48
C PRO A 230 -2.89 -8.82 1.61
N LYS A 231 -3.04 -8.10 0.49
CA LYS A 231 -2.63 -6.69 0.44
C LYS A 231 -3.64 -5.77 1.09
N SER A 232 -4.88 -6.19 1.26
CA SER A 232 -5.85 -5.39 1.98
C SER A 232 -5.47 -5.22 3.44
N HIS A 233 -4.67 -6.13 3.98
CA HIS A 233 -4.27 -6.17 5.38
C HIS A 233 -2.82 -5.76 5.56
N THR A 234 -2.25 -5.05 4.60
CA THR A 234 -0.84 -4.68 4.61
C THR A 234 -0.70 -3.17 4.48
N LEU A 235 0.28 -2.61 5.18
CA LEU A 235 0.56 -1.18 5.14
C LEU A 235 1.67 -0.89 4.16
N TRP A 236 1.47 0.14 3.32
CA TRP A 236 2.53 0.67 2.45
C TRP A 236 3.04 -0.39 1.47
N THR A 237 2.14 -0.79 0.58
CA THR A 237 2.40 -1.90 -0.34
C THR A 237 3.00 -1.47 -1.67
N ASP A 238 3.16 -0.17 -1.92
CA ASP A 238 3.58 0.30 -3.23
C ASP A 238 5.06 0.68 -3.23
N GLY A 239 5.69 0.56 -4.40
CA GLY A 239 7.11 0.83 -4.54
C GLY A 239 8.00 -0.15 -3.81
N ILE A 240 7.66 -1.43 -3.82
CA ILE A 240 8.33 -2.44 -3.03
C ILE A 240 9.05 -3.40 -3.96
N GLU A 241 10.35 -3.58 -3.73
CA GLU A 241 11.13 -4.60 -4.41
C GLU A 241 11.02 -5.90 -3.63
N GLU A 242 10.64 -6.98 -4.32
CA GLU A 242 10.43 -8.25 -3.65
C GLU A 242 11.72 -8.84 -3.10
N SER A 243 12.87 -8.30 -3.48
CA SER A 243 14.17 -8.81 -3.05
C SER A 243 14.73 -8.06 -1.86
N ASP A 244 13.95 -7.20 -1.21
CA ASP A 244 14.40 -6.44 -0.06
C ASP A 244 13.65 -6.82 1.22
N LEU A 245 12.71 -7.76 1.12
CA LEU A 245 11.87 -8.15 2.24
C LEU A 245 12.59 -9.18 3.10
N ILE A 246 12.76 -8.86 4.38
CA ILE A 246 13.52 -9.75 5.26
C ILE A 246 12.86 -11.13 5.33
N ILE A 247 11.56 -11.16 5.63
CA ILE A 247 10.80 -12.41 5.65
C ILE A 247 10.29 -12.66 4.23
N PRO A 248 10.70 -13.74 3.58
CA PRO A 248 10.39 -13.91 2.15
C PRO A 248 8.90 -13.99 1.89
N LYS A 249 8.51 -13.50 0.71
CA LYS A 249 7.10 -13.47 0.34
C LYS A 249 6.51 -14.87 0.26
N SER A 250 7.33 -15.86 -0.11
CA SER A 250 6.89 -17.24 -0.17
C SER A 250 6.65 -17.87 1.20
N LEU A 251 7.04 -17.19 2.27
CA LEU A 251 6.79 -17.64 3.63
C LEU A 251 5.78 -16.74 4.35
N ALA A 252 4.80 -16.24 3.60
CA ALA A 252 3.70 -15.41 4.12
C ALA A 252 4.20 -14.13 4.78
N GLY A 253 5.29 -13.57 4.27
CA GLY A 253 5.77 -12.29 4.73
C GLY A 253 5.00 -11.18 4.04
N PRO A 254 4.62 -10.14 4.79
CA PRO A 254 3.88 -9.04 4.17
C PRO A 254 4.74 -8.27 3.18
N LEU A 255 4.10 -7.81 2.11
CA LEU A 255 4.78 -7.08 1.04
C LEU A 255 4.80 -5.59 1.36
N SER A 256 5.54 -5.25 2.40
CA SER A 256 5.45 -3.94 3.02
C SER A 256 6.82 -3.32 3.17
N HIS A 257 6.85 -1.99 3.19
CA HIS A 257 8.07 -1.26 3.54
C HIS A 257 8.45 -1.47 4.98
N HIS A 258 7.53 -1.93 5.82
CA HIS A 258 7.80 -2.29 7.20
C HIS A 258 8.59 -3.58 7.33
N ASN A 259 8.69 -4.37 6.27
CA ASN A 259 9.38 -5.65 6.26
C ASN A 259 10.82 -5.52 5.77
N THR A 260 11.46 -4.40 6.02
CA THR A 260 12.78 -4.11 5.48
C THR A 260 13.72 -3.62 6.57
N ARG A 261 15.02 -3.79 6.32
CA ARG A 261 16.07 -3.27 7.18
C ARG A 261 17.25 -2.92 6.28
N GLU A 262 17.87 -1.77 6.51
CA GLU A 262 18.88 -1.24 5.61
C GLU A 262 20.15 -2.08 5.67
N GLY A 263 20.56 -2.60 4.52
CA GLY A 263 21.75 -3.42 4.42
C GLY A 263 21.51 -4.91 4.34
N TYR A 264 20.25 -5.35 4.32
CA TYR A 264 19.92 -6.76 4.29
C TYR A 264 18.94 -7.03 3.16
N ARG A 265 19.12 -8.16 2.48
CA ARG A 265 18.19 -8.63 1.46
C ARG A 265 17.36 -9.77 2.03
N THR A 266 16.57 -10.39 1.17
CA THR A 266 15.63 -11.41 1.62
C THR A 266 16.36 -12.66 2.08
N GLN A 267 15.93 -13.21 3.21
CA GLN A 267 16.61 -14.35 3.82
C GLN A 267 15.95 -15.66 3.41
N MET A 268 16.07 -15.96 2.12
CA MET A 268 15.53 -17.21 1.59
C MET A 268 16.20 -18.44 2.16
N LYS A 269 17.39 -18.29 2.75
CA LYS A 269 18.11 -19.43 3.30
C LYS A 269 18.35 -19.27 4.79
N GLY A 270 17.33 -18.85 5.53
CA GLY A 270 17.39 -18.84 6.97
C GLY A 270 16.97 -20.17 7.55
N PRO A 271 17.03 -20.31 8.87
CA PRO A 271 16.73 -21.60 9.50
C PRO A 271 15.23 -21.86 9.63
N TRP A 272 14.55 -22.00 8.49
CA TRP A 272 13.10 -22.15 8.48
C TRP A 272 12.66 -23.58 8.79
N HIS A 273 13.51 -24.40 9.37
CA HIS A 273 13.15 -25.74 9.80
C HIS A 273 12.77 -25.81 11.28
N SER A 274 13.01 -24.73 12.03
CA SER A 274 12.77 -24.66 13.45
C SER A 274 11.27 -24.71 13.75
N GLU A 275 10.94 -25.17 14.95
CA GLU A 275 9.56 -25.18 15.40
C GLU A 275 9.09 -23.81 15.89
N GLU A 276 10.02 -22.89 16.13
CA GLU A 276 9.69 -21.56 16.62
C GLU A 276 10.93 -20.68 16.49
N LEU A 277 10.74 -19.45 16.03
CA LEU A 277 11.85 -18.55 15.79
C LEU A 277 11.55 -17.20 16.40
N GLU A 278 12.61 -16.46 16.69
CA GLU A 278 12.52 -15.06 17.07
C GLU A 278 13.59 -14.30 16.30
N ILE A 279 13.20 -13.29 15.55
CA ILE A 279 14.12 -12.51 14.74
C ILE A 279 14.50 -11.25 15.50
N ARG A 280 15.77 -11.13 15.83
CA ARG A 280 16.26 -10.08 16.71
C ARG A 280 17.42 -9.38 16.03
N PHE A 281 17.66 -8.13 16.39
CA PHE A 281 18.77 -7.35 15.85
C PHE A 281 19.73 -7.03 16.99
N GLU A 282 20.63 -7.96 17.27
CA GLU A 282 21.71 -7.77 18.23
C GLU A 282 22.63 -8.99 18.14
N GLU A 283 23.74 -8.91 18.82
CA GLU A 283 24.71 -9.97 18.75
C GLU A 283 24.33 -11.11 19.60
N CYS A 284 24.84 -12.27 19.27
CA CYS A 284 24.57 -13.42 20.05
C CYS A 284 25.52 -13.42 21.21
N PRO A 285 25.26 -14.24 22.22
CA PRO A 285 26.10 -14.25 23.44
C PRO A 285 27.52 -14.79 23.27
N GLY A 286 28.54 -13.93 23.28
CA GLY A 286 29.92 -14.35 23.18
C GLY A 286 30.60 -13.99 21.89
N THR A 287 29.86 -13.54 20.90
CA THR A 287 30.35 -13.26 19.56
C THR A 287 30.30 -11.77 19.29
N LYS A 288 31.18 -11.32 18.40
CA LYS A 288 31.22 -9.93 17.97
C LYS A 288 31.37 -9.88 16.46
N VAL A 289 30.89 -8.78 15.87
CA VAL A 289 30.82 -8.63 14.42
C VAL A 289 31.54 -7.35 14.01
N HIS A 290 32.28 -7.43 12.90
CA HIS A 290 32.96 -6.27 12.33
C HIS A 290 32.56 -6.13 10.88
N VAL A 291 32.77 -4.95 10.31
CA VAL A 291 32.45 -4.69 8.92
C VAL A 291 33.76 -4.46 8.17
N GLU A 292 34.01 -5.28 7.15
CA GLU A 292 35.24 -5.19 6.38
C GLU A 292 35.03 -5.81 5.01
N GLU A 293 35.84 -5.38 4.04
CA GLU A 293 35.67 -5.81 2.66
C GLU A 293 36.35 -7.15 2.36
N THR A 294 37.11 -7.70 3.30
CA THR A 294 37.76 -8.98 3.10
C THR A 294 36.85 -10.15 3.42
N CYS A 295 35.62 -9.89 3.86
CA CYS A 295 34.67 -10.93 4.22
C CYS A 295 34.09 -11.58 2.97
N GLY A 296 33.47 -12.74 3.17
CA GLY A 296 32.86 -13.48 2.08
C GLY A 296 31.50 -12.93 1.71
N THR A 297 30.81 -13.65 0.83
CA THR A 297 29.52 -13.24 0.33
C THR A 297 28.42 -14.04 1.01
N ARG A 298 27.17 -13.72 0.65
CA ARG A 298 26.00 -14.37 1.23
C ARG A 298 26.00 -15.87 1.00
N GLY A 299 25.56 -16.62 2.00
CA GLY A 299 25.34 -18.03 1.86
C GLY A 299 24.22 -18.44 2.80
N PRO A 300 24.09 -19.73 3.07
CA PRO A 300 23.11 -20.17 4.07
C PRO A 300 23.48 -19.68 5.46
N SER A 301 22.45 -19.55 6.29
CA SER A 301 22.63 -19.10 7.67
C SER A 301 23.45 -20.11 8.47
N LEU A 302 24.26 -19.61 9.40
CA LEU A 302 25.13 -20.47 10.19
C LEU A 302 24.86 -20.28 11.68
N ARG A 303 24.85 -21.40 12.40
CA ARG A 303 24.75 -21.41 13.86
C ARG A 303 26.05 -20.92 14.48
N SER A 304 25.94 -20.23 15.61
CA SER A 304 27.10 -19.66 16.27
C SER A 304 27.86 -20.65 17.14
N THR A 305 27.31 -21.84 17.36
CA THR A 305 28.01 -22.91 18.06
C THR A 305 28.18 -24.08 17.11
N THR A 306 29.37 -24.70 17.14
CA THR A 306 29.59 -25.87 16.31
C THR A 306 28.73 -27.03 16.81
N ALA A 307 28.76 -28.14 16.09
CA ALA A 307 27.98 -29.31 16.46
C ALA A 307 28.49 -29.96 17.73
N SER A 308 29.62 -29.48 18.27
CA SER A 308 30.18 -30.02 19.51
C SER A 308 30.15 -29.00 20.64
N GLY A 309 29.56 -27.83 20.43
CA GLY A 309 29.35 -26.87 21.49
C GLY A 309 30.31 -25.70 21.53
N ARG A 310 31.36 -25.71 20.71
CA ARG A 310 32.33 -24.61 20.72
C ARG A 310 31.72 -23.36 20.10
N VAL A 311 32.08 -22.20 20.66
CA VAL A 311 31.55 -20.91 20.23
C VAL A 311 32.57 -20.21 19.35
N ILE A 312 32.16 -19.80 18.17
CA ILE A 312 32.97 -19.00 17.27
C ILE A 312 32.74 -17.54 17.62
N GLU A 313 33.80 -16.82 17.96
CA GLU A 313 33.63 -15.53 18.60
C GLU A 313 33.82 -14.33 17.69
N GLU A 314 34.35 -14.49 16.48
CA GLU A 314 34.59 -13.37 15.58
C GLU A 314 33.91 -13.61 14.24
N TRP A 315 33.13 -12.63 13.80
CA TRP A 315 32.35 -12.69 12.57
C TRP A 315 32.58 -11.40 11.81
N CYS A 316 32.22 -11.40 10.53
CA CYS A 316 32.36 -10.20 9.71
C CYS A 316 31.16 -10.08 8.78
N CYS A 317 31.11 -8.96 8.07
CA CYS A 317 30.17 -8.77 6.98
C CYS A 317 30.74 -7.70 6.07
N ARG A 318 30.18 -7.60 4.88
CA ARG A 318 30.70 -6.67 3.87
C ARG A 318 30.05 -5.29 3.94
N GLU A 319 28.74 -5.21 3.79
CA GLU A 319 28.07 -3.92 3.75
C GLU A 319 26.76 -3.97 4.54
N CYS A 320 26.80 -4.60 5.72
CA CYS A 320 25.64 -4.69 6.59
C CYS A 320 25.76 -3.65 7.71
N THR A 321 24.63 -3.35 8.34
CA THR A 321 24.57 -2.36 9.40
C THR A 321 24.43 -3.02 10.76
N MET A 322 24.92 -2.33 11.79
CA MET A 322 24.84 -2.82 13.16
C MET A 322 23.63 -2.22 13.87
N PRO A 323 22.99 -2.97 14.77
CA PRO A 323 23.30 -4.35 15.21
C PRO A 323 22.97 -5.41 14.17
N PRO A 324 23.59 -6.59 14.26
CA PRO A 324 23.41 -7.61 13.22
C PRO A 324 22.05 -8.28 13.29
N LEU A 325 21.80 -9.15 12.32
CA LEU A 325 20.56 -9.92 12.23
C LEU A 325 20.79 -11.29 12.85
N SER A 326 19.88 -11.70 13.74
CA SER A 326 19.99 -12.99 14.41
C SER A 326 18.65 -13.71 14.42
N PHE A 327 18.72 -15.03 14.43
CA PHE A 327 17.55 -15.89 14.64
C PHE A 327 17.80 -16.68 15.92
N ARG A 328 16.81 -16.70 16.80
CA ARG A 328 16.93 -17.37 18.09
C ARG A 328 15.95 -18.52 18.15
N ALA A 329 16.42 -19.71 17.81
CA ALA A 329 15.62 -20.91 17.90
C ALA A 329 15.96 -21.65 19.19
N LYS A 330 15.36 -22.82 19.43
CA LYS A 330 15.61 -23.55 20.66
C LYS A 330 16.96 -24.27 20.68
N ASP A 331 17.54 -24.51 19.53
CA ASP A 331 18.84 -25.17 19.43
C ASP A 331 19.91 -24.16 19.51
N GLY A 332 19.58 -22.92 19.22
CA GLY A 332 20.54 -21.87 19.37
C GLY A 332 20.40 -20.58 18.63
N CYS A 333 21.48 -19.82 18.60
CA CYS A 333 21.50 -18.57 17.90
C CYS A 333 22.10 -18.69 16.52
N TRP A 334 21.50 -18.09 15.50
CA TRP A 334 21.97 -18.20 14.14
C TRP A 334 22.15 -16.85 13.51
N TYR A 335 23.10 -16.69 12.61
CA TYR A 335 23.32 -15.36 12.09
C TYR A 335 22.62 -15.20 10.74
N GLY A 336 22.55 -13.96 10.27
CA GLY A 336 21.93 -13.67 9.01
C GLY A 336 22.72 -14.24 7.84
N MET A 337 22.09 -14.18 6.68
CA MET A 337 22.66 -14.71 5.46
C MET A 337 23.92 -13.96 5.06
N GLU A 338 24.06 -12.70 5.48
CA GLU A 338 25.15 -11.82 5.08
C GLU A 338 26.36 -11.89 6.00
N ILE A 339 26.29 -12.57 7.13
CA ILE A 339 27.29 -12.51 8.18
C ILE A 339 28.01 -13.85 8.24
N ARG A 340 29.33 -13.83 8.05
CA ARG A 340 30.14 -15.02 7.89
C ARG A 340 31.27 -15.03 8.91
N PRO A 341 31.80 -16.22 9.25
CA PRO A 341 32.90 -16.28 10.22
C PRO A 341 34.18 -15.68 9.66
N ARG A 342 34.96 -15.09 10.55
CA ARG A 342 36.14 -14.31 10.18
C ARG A 342 37.38 -15.17 10.01
N LYS A 343 37.53 -16.21 10.79
CA LYS A 343 38.71 -17.07 10.80
C LYS A 343 38.38 -18.55 10.66
N GLU A 344 37.29 -19.01 11.24
CA GLU A 344 36.95 -20.42 11.21
C GLU A 344 36.44 -20.82 9.83
N PRO A 345 36.95 -21.90 9.24
CA PRO A 345 36.39 -22.38 7.97
C PRO A 345 34.90 -22.72 8.11
N GLU A 346 34.13 -22.35 7.08
CA GLU A 346 32.69 -22.56 7.12
C GLU A 346 32.31 -24.05 7.08
N SER A 347 33.24 -24.92 6.69
CA SER A 347 32.93 -26.34 6.66
C SER A 347 32.81 -26.93 8.06
N ASN A 348 33.20 -26.18 9.09
CA ASN A 348 33.17 -26.63 10.47
C ASN A 348 31.96 -26.10 11.23
N LEU A 349 30.98 -25.55 10.53
CA LEU A 349 29.84 -24.91 11.16
C LEU A 349 28.57 -25.62 10.72
N VAL A 350 27.51 -25.42 11.49
CA VAL A 350 26.19 -25.94 11.17
C VAL A 350 25.48 -24.92 10.27
N ARG A 351 24.92 -25.39 9.16
CA ARG A 351 24.36 -24.53 8.14
C ARG A 351 22.91 -24.88 7.89
N SER A 352 22.17 -23.93 7.32
CA SER A 352 20.77 -24.15 7.02
C SER A 352 20.59 -24.89 5.70
N MET A 353 19.69 -25.89 5.70
CA MET A 353 19.54 -26.80 4.57
C MET A 353 18.20 -26.65 3.87
N VAL A 354 17.50 -25.54 4.07
CA VAL A 354 16.20 -25.31 3.45
C VAL A 354 16.23 -23.98 2.70
N THR A 355 15.33 -23.86 1.73
CA THR A 355 15.21 -22.66 0.91
C THR A 355 13.74 -22.35 0.70
N ALA A 356 13.38 -21.09 0.81
CA ALA A 356 12.01 -20.67 0.55
C ALA A 356 11.76 -20.66 -0.95
N VAL B 2 47.58 -9.46 -6.27
CA VAL B 2 47.80 -10.65 -5.47
C VAL B 2 48.89 -11.49 -6.12
N GLN B 3 49.73 -12.11 -5.29
CA GLN B 3 50.82 -12.93 -5.81
C GLN B 3 51.43 -13.73 -4.68
N LEU B 4 51.79 -14.98 -4.97
CA LEU B 4 52.54 -15.83 -4.07
C LEU B 4 53.78 -16.30 -4.79
N VAL B 5 54.95 -16.10 -4.17
CA VAL B 5 56.23 -16.44 -4.78
C VAL B 5 56.92 -17.45 -3.89
N GLN B 6 57.36 -18.56 -4.48
CA GLN B 6 58.01 -19.63 -3.75
C GLN B 6 59.51 -19.60 -4.00
N SER B 7 60.23 -20.48 -3.30
CA SER B 7 61.67 -20.55 -3.41
C SER B 7 62.04 -21.43 -4.61
N GLY B 8 63.34 -21.71 -4.77
CA GLY B 8 63.82 -22.44 -5.92
C GLY B 8 63.83 -23.94 -5.70
N ALA B 9 64.14 -24.66 -6.78
CA ALA B 9 64.25 -26.10 -6.71
C ALA B 9 65.42 -26.50 -5.84
N GLU B 10 65.25 -27.59 -5.10
CA GLU B 10 66.24 -28.04 -4.14
C GLU B 10 66.62 -29.49 -4.43
N VAL B 11 67.92 -29.77 -4.40
CA VAL B 11 68.44 -31.12 -4.58
C VAL B 11 69.13 -31.50 -3.28
N LYS B 12 68.58 -32.49 -2.58
CA LYS B 12 69.00 -32.81 -1.23
C LYS B 12 69.31 -34.29 -1.10
N LYS B 13 70.12 -34.61 -0.10
CA LYS B 13 70.44 -35.93 0.40
C LYS B 13 69.56 -36.26 1.60
N PRO B 14 69.34 -37.54 1.90
CA PRO B 14 68.53 -37.87 3.08
C PRO B 14 69.24 -37.52 4.38
N GLY B 15 68.45 -37.13 5.37
CA GLY B 15 68.93 -37.01 6.73
C GLY B 15 69.22 -35.61 7.25
N GLU B 16 69.05 -34.56 6.45
CA GLU B 16 69.22 -33.20 6.95
C GLU B 16 67.91 -32.42 6.85
N SER B 17 67.94 -31.21 7.38
CA SER B 17 66.78 -30.34 7.45
C SER B 17 66.63 -29.55 6.16
N LEU B 18 65.49 -28.89 6.03
CA LEU B 18 65.21 -28.12 4.83
C LEU B 18 64.05 -27.18 5.10
N LYS B 19 64.23 -25.92 4.71
CA LYS B 19 63.18 -24.90 4.80
C LYS B 19 62.82 -24.44 3.41
N ILE B 20 61.55 -24.48 3.07
CA ILE B 20 61.05 -23.87 1.84
C ILE B 20 60.05 -22.80 2.24
N SER B 21 60.00 -21.74 1.45
CA SER B 21 59.27 -20.53 1.80
C SER B 21 58.23 -20.21 0.73
N CYS B 22 57.30 -19.34 1.08
CA CYS B 22 56.26 -18.90 0.15
C CYS B 22 55.85 -17.49 0.55
N LYS B 23 56.43 -16.50 -0.12
CA LYS B 23 56.17 -15.10 0.17
C LYS B 23 54.97 -14.60 -0.63
N GLY B 24 54.14 -13.81 0.02
CA GLY B 24 52.93 -13.30 -0.60
C GLY B 24 52.84 -11.81 -0.46
N SER B 25 52.23 -11.18 -1.47
CA SER B 25 52.13 -9.72 -1.51
C SER B 25 50.93 -9.32 -2.34
N GLY B 26 50.46 -8.09 -2.12
CA GLY B 26 49.34 -7.56 -2.85
C GLY B 26 48.01 -7.60 -2.11
N TYR B 27 47.97 -8.21 -0.93
CA TYR B 27 46.74 -8.34 -0.17
C TYR B 27 47.10 -8.43 1.30
N SER B 28 46.07 -8.48 2.15
CA SER B 28 46.26 -8.59 3.58
C SER B 28 46.69 -10.02 3.91
N PHE B 29 47.99 -10.21 4.13
CA PHE B 29 48.54 -11.54 4.33
C PHE B 29 47.96 -12.25 5.55
N THR B 30 47.52 -11.50 6.56
CA THR B 30 47.09 -12.08 7.82
C THR B 30 45.57 -12.22 7.91
N SER B 31 44.84 -11.97 6.83
CA SER B 31 43.40 -12.14 6.80
C SER B 31 42.95 -13.44 6.15
N TYR B 32 43.88 -14.26 5.67
CA TYR B 32 43.55 -15.45 4.92
C TYR B 32 44.41 -16.62 5.43
N TRP B 33 43.93 -17.83 5.20
CA TRP B 33 44.70 -19.01 5.49
C TRP B 33 45.73 -19.25 4.38
N ILE B 34 46.67 -20.15 4.65
CA ILE B 34 47.66 -20.57 3.66
C ILE B 34 47.72 -22.09 3.68
N GLY B 35 47.41 -22.71 2.55
CA GLY B 35 47.45 -24.17 2.46
C GLY B 35 48.68 -24.70 1.76
N TRP B 36 49.07 -25.93 2.08
CA TRP B 36 50.21 -26.59 1.44
C TRP B 36 49.71 -27.87 0.80
N VAL B 37 50.01 -28.05 -0.48
CA VAL B 37 49.50 -29.16 -1.28
C VAL B 37 50.69 -29.90 -1.87
N ARG B 38 50.63 -31.23 -1.83
CA ARG B 38 51.68 -32.06 -2.40
C ARG B 38 51.19 -32.71 -3.68
N GLN B 39 52.12 -32.93 -4.61
CA GLN B 39 51.82 -33.65 -5.83
C GLN B 39 53.04 -34.49 -6.19
N MET B 40 52.97 -35.78 -5.90
CA MET B 40 54.05 -36.68 -6.24
C MET B 40 54.15 -36.82 -7.76
N PRO B 41 55.32 -37.19 -8.28
CA PRO B 41 55.48 -37.29 -9.74
C PRO B 41 54.47 -38.26 -10.35
N GLY B 42 53.66 -37.72 -11.27
CA GLY B 42 52.64 -38.51 -11.93
C GLY B 42 51.57 -39.05 -11.01
N LYS B 43 51.04 -38.21 -10.13
CA LYS B 43 50.00 -38.61 -9.19
C LYS B 43 49.03 -37.45 -9.03
N GLY B 44 48.16 -37.54 -8.02
CA GLY B 44 47.18 -36.52 -7.75
C GLY B 44 47.60 -35.59 -6.62
N LEU B 45 46.65 -34.75 -6.21
CA LEU B 45 46.88 -33.72 -5.21
C LEU B 45 46.49 -34.20 -3.82
N GLU B 46 47.20 -33.70 -2.80
CA GLU B 46 46.91 -34.00 -1.41
C GLU B 46 47.05 -32.74 -0.57
N TRP B 47 46.29 -32.67 0.52
CA TRP B 47 46.33 -31.54 1.43
C TRP B 47 47.32 -31.83 2.55
N MET B 48 48.23 -30.88 2.80
CA MET B 48 49.16 -30.98 3.91
C MET B 48 48.77 -30.12 5.10
N GLY B 49 47.60 -29.46 5.05
CA GLY B 49 47.13 -28.64 6.14
C GLY B 49 47.16 -27.18 5.79
N ILE B 50 46.69 -26.36 6.74
CA ILE B 50 46.61 -24.92 6.56
C ILE B 50 47.18 -24.23 7.80
N ILE B 51 47.67 -23.02 7.60
CA ILE B 51 48.17 -22.18 8.68
C ILE B 51 47.60 -20.78 8.54
N TYR B 52 47.16 -20.20 9.65
CA TYR B 52 46.59 -18.86 9.67
C TYR B 52 47.61 -17.90 10.23
N PRO B 53 48.24 -17.05 9.43
CA PRO B 53 49.18 -16.08 9.97
C PRO B 53 48.46 -15.03 10.80
N GLY B 54 49.24 -14.28 11.56
CA GLY B 54 48.68 -13.42 12.59
C GLY B 54 48.70 -14.11 13.93
N ASP B 55 47.94 -15.18 14.06
CA ASP B 55 48.10 -16.11 15.18
C ASP B 55 48.35 -17.48 14.57
N SER B 56 49.57 -17.99 14.68
CA SER B 56 50.02 -19.10 13.85
C SER B 56 49.27 -20.36 14.28
N ASP B 57 48.00 -20.41 13.88
CA ASP B 57 47.13 -21.55 14.11
C ASP B 57 47.28 -22.51 12.94
N THR B 58 47.69 -23.75 13.23
CA THR B 58 47.91 -24.76 12.20
C THR B 58 46.97 -25.92 12.40
N ARG B 59 46.49 -26.48 11.29
CA ARG B 59 45.58 -27.62 11.30
C ARG B 59 46.12 -28.65 10.31
N TYR B 60 46.91 -29.59 10.79
CA TYR B 60 47.57 -30.56 9.94
C TYR B 60 46.56 -31.58 9.43
N SER B 61 47.01 -32.38 8.45
CA SER B 61 46.33 -33.59 8.02
C SER B 61 46.85 -34.76 8.84
N PRO B 62 45.99 -35.72 9.18
CA PRO B 62 46.43 -36.80 10.08
C PRO B 62 47.62 -37.58 9.56
N SER B 63 47.77 -37.71 8.24
CA SER B 63 48.89 -38.43 7.67
C SER B 63 50.15 -37.56 7.53
N PHE B 64 50.20 -36.40 8.16
CA PHE B 64 51.36 -35.53 8.03
C PHE B 64 51.83 -34.90 9.32
N GLN B 65 51.07 -34.97 10.42
CA GLN B 65 51.45 -34.32 11.66
C GLN B 65 52.73 -34.93 12.21
N GLY B 66 53.61 -34.08 12.73
CA GLY B 66 54.85 -34.53 13.30
C GLY B 66 55.96 -34.70 12.28
N GLN B 67 55.62 -35.24 11.12
CA GLN B 67 56.61 -35.45 10.06
C GLN B 67 56.97 -34.16 9.33
N VAL B 68 56.21 -33.07 9.54
CA VAL B 68 56.49 -31.79 8.92
C VAL B 68 56.00 -30.71 9.85
N THR B 69 56.62 -29.53 9.77
CA THR B 69 56.25 -28.41 10.62
C THR B 69 56.00 -27.18 9.75
N MET B 70 54.83 -26.58 9.92
CA MET B 70 54.44 -25.36 9.23
C MET B 70 54.57 -24.18 10.18
N SER B 71 55.05 -23.05 9.65
CA SER B 71 55.31 -21.87 10.45
C SER B 71 55.08 -20.63 9.60
N ALA B 72 54.88 -19.50 10.27
CA ALA B 72 54.60 -18.25 9.59
C ALA B 72 55.35 -17.12 10.26
N ASP B 73 55.61 -16.06 9.49
CA ASP B 73 56.34 -14.87 9.96
C ASP B 73 55.60 -13.66 9.40
N ARG B 74 54.62 -13.17 10.14
CA ARG B 74 53.75 -12.10 9.65
C ARG B 74 54.47 -10.79 9.41
N SER B 75 55.70 -10.63 9.90
CA SER B 75 56.43 -9.38 9.69
C SER B 75 56.86 -9.24 8.24
N ILE B 76 57.43 -10.31 7.65
CA ILE B 76 57.90 -10.27 6.28
C ILE B 76 56.91 -10.88 5.31
N SER B 77 55.74 -11.31 5.78
CA SER B 77 54.70 -11.94 4.96
C SER B 77 55.24 -13.18 4.24
N THR B 78 55.63 -14.15 5.05
CA THR B 78 56.22 -15.39 4.56
C THR B 78 55.74 -16.55 5.42
N ALA B 79 55.41 -17.66 4.77
CA ALA B 79 55.02 -18.90 5.44
C ALA B 79 55.99 -19.99 5.04
N TYR B 80 56.40 -20.81 6.00
CA TYR B 80 57.48 -21.76 5.81
C TYR B 80 56.95 -23.19 5.88
N LEU B 81 57.85 -24.14 5.66
CA LEU B 81 57.58 -25.57 5.79
C LEU B 81 58.92 -26.26 6.01
N GLN B 82 59.03 -27.00 7.11
CA GLN B 82 60.32 -27.52 7.55
C GLN B 82 60.29 -29.03 7.71
N TRP B 83 61.36 -29.67 7.24
CA TRP B 83 61.66 -31.07 7.53
C TRP B 83 62.84 -31.14 8.49
N SER B 84 63.07 -32.34 9.02
CA SER B 84 64.23 -32.55 9.89
C SER B 84 65.16 -33.59 9.29
N SER B 85 64.60 -34.66 8.74
CA SER B 85 65.38 -35.73 8.10
C SER B 85 64.60 -36.16 6.85
N LEU B 86 64.96 -35.58 5.71
CA LEU B 86 64.30 -35.90 4.46
C LEU B 86 64.51 -37.38 4.13
N LYS B 87 63.45 -38.04 3.68
CA LYS B 87 63.53 -39.42 3.25
C LYS B 87 63.40 -39.49 1.73
N ALA B 88 63.50 -40.71 1.20
CA ALA B 88 63.43 -40.89 -0.24
C ALA B 88 62.02 -40.78 -0.80
N SER B 89 61.00 -40.84 0.06
CA SER B 89 59.62 -40.75 -0.37
C SER B 89 59.09 -39.31 -0.34
N ASP B 90 59.98 -38.34 -0.14
CA ASP B 90 59.60 -36.93 -0.07
C ASP B 90 59.85 -36.19 -1.38
N THR B 91 60.12 -36.92 -2.45
CA THR B 91 60.31 -36.32 -3.77
C THR B 91 58.95 -35.99 -4.35
N ALA B 92 58.67 -34.71 -4.54
CA ALA B 92 57.35 -34.26 -4.99
C ALA B 92 57.44 -32.78 -5.35
N MET B 93 56.33 -32.24 -5.82
CA MET B 93 56.15 -30.81 -6.03
C MET B 93 55.25 -30.28 -4.93
N TYR B 94 55.63 -29.14 -4.35
CA TYR B 94 54.91 -28.57 -3.21
C TYR B 94 54.35 -27.22 -3.60
N TYR B 95 53.04 -27.05 -3.43
CA TYR B 95 52.35 -25.82 -3.78
C TYR B 95 51.86 -25.13 -2.52
N CYS B 96 52.08 -23.82 -2.45
CA CYS B 96 51.43 -22.99 -1.45
C CYS B 96 50.29 -22.25 -2.12
N ALA B 97 49.22 -22.03 -1.36
CA ALA B 97 48.00 -21.49 -1.94
C ALA B 97 47.29 -20.64 -0.90
N ARG B 98 46.41 -19.78 -1.37
CA ARG B 98 45.64 -18.88 -0.52
C ARG B 98 44.22 -19.42 -0.41
N SER B 99 43.84 -19.86 0.77
CA SER B 99 42.54 -20.48 1.01
C SER B 99 41.60 -19.46 1.65
N ASN B 100 40.33 -19.50 1.27
CA ASN B 100 39.35 -18.62 1.85
C ASN B 100 38.55 -19.33 2.95
N VAL B 101 37.79 -18.56 3.70
CA VAL B 101 36.98 -19.13 4.77
C VAL B 101 35.87 -20.02 4.22
N ASP B 102 35.29 -19.67 3.07
CA ASP B 102 34.28 -20.53 2.45
C ASP B 102 34.86 -21.76 1.77
N GLY B 103 36.15 -21.80 1.53
CA GLY B 103 36.78 -23.05 1.14
C GLY B 103 37.46 -23.06 -0.21
N SER B 104 37.24 -22.03 -1.02
CA SER B 104 37.81 -21.98 -2.36
C SER B 104 39.27 -21.57 -2.29
N THR B 105 40.10 -22.20 -3.10
CA THR B 105 41.52 -21.87 -3.19
C THR B 105 41.74 -20.93 -4.37
N ASP B 106 42.09 -19.68 -4.07
CA ASP B 106 42.10 -18.62 -5.08
C ASP B 106 43.37 -18.64 -5.92
N TYR B 107 44.52 -18.41 -5.28
CA TYR B 107 45.79 -18.25 -5.98
C TYR B 107 46.75 -19.36 -5.59
N TRP B 108 47.53 -19.80 -6.55
CA TRP B 108 48.52 -20.85 -6.34
C TRP B 108 49.90 -20.34 -6.68
N GLY B 109 50.87 -20.71 -5.86
CA GLY B 109 52.25 -20.39 -6.16
C GLY B 109 52.78 -21.25 -7.28
N GLN B 110 53.90 -20.85 -7.89
CA GLN B 110 54.42 -21.58 -9.03
C GLN B 110 54.90 -22.98 -8.67
N GLY B 111 55.11 -23.25 -7.39
CA GLY B 111 55.49 -24.57 -6.95
C GLY B 111 56.99 -24.70 -6.77
N THR B 112 57.37 -25.58 -5.84
CA THR B 112 58.76 -25.86 -5.51
C THR B 112 59.00 -27.34 -5.72
N LEU B 113 59.97 -27.68 -6.56
CA LEU B 113 60.29 -29.06 -6.88
C LEU B 113 61.40 -29.54 -5.96
N VAL B 114 61.10 -30.53 -5.14
CA VAL B 114 62.03 -31.08 -4.16
C VAL B 114 62.45 -32.46 -4.62
N THR B 115 63.75 -32.69 -4.75
CA THR B 115 64.29 -33.99 -5.14
C THR B 115 65.21 -34.48 -4.04
N VAL B 116 64.98 -35.70 -3.56
CA VAL B 116 65.84 -36.36 -2.59
C VAL B 116 66.40 -37.61 -3.24
N SER B 117 67.73 -37.69 -3.33
CA SER B 117 68.39 -38.81 -3.99
C SER B 117 69.64 -39.16 -3.19
N SER B 118 70.48 -40.01 -3.78
CA SER B 118 71.70 -40.45 -3.12
C SER B 118 72.70 -40.98 -4.14
N LEU C 4 35.32 -37.70 -3.15
CA LEU C 4 36.22 -38.79 -2.79
C LEU C 4 36.52 -39.72 -3.97
N THR C 5 35.50 -40.11 -4.72
CA THR C 5 35.64 -41.05 -5.81
C THR C 5 35.40 -40.37 -7.16
N GLN C 6 36.21 -40.74 -8.14
CA GLN C 6 36.14 -40.18 -9.49
C GLN C 6 36.44 -41.30 -10.48
N PRO C 7 35.98 -41.17 -11.73
CA PRO C 7 36.35 -42.15 -12.74
C PRO C 7 37.76 -41.88 -13.26
N PRO C 8 38.61 -42.91 -13.27
CA PRO C 8 40.04 -42.70 -13.56
C PRO C 8 40.35 -42.15 -14.95
N SER C 9 39.47 -42.32 -15.93
CA SER C 9 39.77 -41.84 -17.27
C SER C 9 38.48 -41.80 -18.09
N VAL C 10 38.36 -40.74 -18.90
CA VAL C 10 37.31 -40.65 -19.91
C VAL C 10 37.98 -40.29 -21.23
N SER C 11 37.24 -40.47 -22.32
CA SER C 11 37.74 -40.13 -23.64
C SER C 11 36.56 -39.81 -24.56
N VAL C 12 36.65 -38.69 -25.26
CA VAL C 12 35.62 -38.22 -26.17
C VAL C 12 36.28 -37.74 -27.47
N SER C 13 35.47 -37.18 -28.36
CA SER C 13 35.93 -36.63 -29.62
C SER C 13 35.56 -35.16 -29.69
N PRO C 14 36.29 -34.37 -30.47
CA PRO C 14 36.03 -32.92 -30.51
C PRO C 14 34.58 -32.62 -30.90
N GLY C 15 34.00 -31.63 -30.22
CA GLY C 15 32.62 -31.25 -30.43
C GLY C 15 31.63 -31.99 -29.56
N GLN C 16 32.02 -33.11 -28.97
CA GLN C 16 31.14 -33.89 -28.11
C GLN C 16 31.07 -33.20 -26.73
N THR C 17 30.28 -33.77 -25.82
CA THR C 17 30.12 -33.24 -24.48
C THR C 17 30.42 -34.33 -23.47
N ALA C 18 31.43 -34.11 -22.63
CA ALA C 18 31.88 -35.08 -21.64
C ALA C 18 31.39 -34.70 -20.26
N ARG C 19 31.14 -35.72 -19.43
CA ARG C 19 30.61 -35.55 -18.09
C ARG C 19 31.51 -36.27 -17.10
N ILE C 20 31.95 -35.56 -16.07
CA ILE C 20 32.83 -36.11 -15.04
C ILE C 20 32.08 -36.16 -13.72
N THR C 21 32.26 -37.23 -12.98
CA THR C 21 31.43 -37.55 -11.82
C THR C 21 32.26 -37.56 -10.55
N CYS C 22 31.77 -36.88 -9.52
CA CYS C 22 32.37 -36.88 -8.20
C CYS C 22 31.33 -37.34 -7.19
N SER C 23 31.68 -38.31 -6.35
CA SER C 23 30.74 -38.91 -5.42
C SER C 23 31.29 -38.87 -4.00
N GLY C 24 30.42 -38.55 -3.04
CA GLY C 24 30.78 -38.49 -1.65
C GLY C 24 29.59 -38.36 -0.72
N ASP C 25 29.75 -38.79 0.53
CA ASP C 25 28.63 -38.85 1.46
C ASP C 25 28.26 -37.46 2.01
N ALA C 26 29.24 -36.62 2.31
CA ALA C 26 28.99 -35.34 2.96
C ALA C 26 28.65 -34.23 1.99
N LEU C 27 28.58 -34.54 0.69
CA LEU C 27 28.30 -33.59 -0.38
C LEU C 27 26.97 -32.83 -0.21
N PRO C 28 25.89 -33.46 0.29
CA PRO C 28 24.65 -32.70 0.46
C PRO C 28 24.80 -31.46 1.33
N LYS C 29 25.61 -31.49 2.38
CA LYS C 29 25.73 -30.36 3.29
C LYS C 29 27.03 -29.58 3.12
N GLN C 30 27.79 -29.84 2.06
CA GLN C 30 29.07 -29.18 1.84
C GLN C 30 29.17 -28.70 0.40
N TYR C 31 29.98 -27.67 0.21
CA TYR C 31 30.30 -27.15 -1.11
C TYR C 31 31.27 -28.06 -1.85
N ALA C 32 31.33 -27.90 -3.16
CA ALA C 32 32.27 -28.65 -4.00
C ALA C 32 32.88 -27.72 -5.02
N PHE C 33 34.18 -27.92 -5.29
CA PHE C 33 34.94 -27.10 -6.22
C PHE C 33 35.66 -28.01 -7.21
N TRP C 34 35.86 -27.51 -8.42
CA TRP C 34 36.51 -28.27 -9.48
C TRP C 34 37.76 -27.53 -9.97
N TYR C 35 38.85 -28.28 -10.14
CA TYR C 35 40.14 -27.72 -10.53
C TYR C 35 40.64 -28.41 -11.79
N GLN C 36 41.20 -27.62 -12.71
CA GLN C 36 41.79 -28.11 -13.94
C GLN C 36 43.29 -27.93 -13.88
N GLN C 37 44.05 -28.95 -14.28
CA GLN C 37 45.50 -28.90 -14.20
C GLN C 37 46.10 -29.46 -15.49
N LYS C 38 46.51 -28.56 -16.39
CA LYS C 38 47.25 -28.97 -17.59
C LYS C 38 48.66 -29.40 -17.20
N PRO C 39 49.27 -30.32 -17.95
CA PRO C 39 50.58 -30.84 -17.54
C PRO C 39 51.65 -29.76 -17.62
N GLY C 40 52.40 -29.61 -16.53
CA GLY C 40 53.46 -28.63 -16.43
C GLY C 40 53.13 -27.39 -15.63
N GLN C 41 51.86 -27.17 -15.30
CA GLN C 41 51.44 -25.96 -14.62
C GLN C 41 50.81 -26.30 -13.27
N ALA C 42 50.23 -25.29 -12.63
CA ALA C 42 49.55 -25.33 -11.36
C ALA C 42 48.04 -25.42 -11.56
N PRO C 43 47.31 -25.97 -10.59
CA PRO C 43 45.87 -26.12 -10.75
C PRO C 43 45.16 -24.78 -10.91
N VAL C 44 44.05 -24.80 -11.64
CA VAL C 44 43.25 -23.62 -11.93
C VAL C 44 41.81 -23.92 -11.52
N LEU C 45 41.20 -23.00 -10.78
CA LEU C 45 39.81 -23.16 -10.37
C LEU C 45 38.86 -22.86 -11.52
N VAL C 46 37.97 -23.80 -11.83
CA VAL C 46 37.04 -23.66 -12.94
C VAL C 46 35.59 -23.55 -12.47
N ILE C 47 35.22 -24.26 -11.40
CA ILE C 47 33.86 -24.26 -10.88
C ILE C 47 33.92 -24.18 -9.36
N TYR C 48 33.14 -23.26 -8.77
CA TYR C 48 33.11 -23.12 -7.32
C TYR C 48 31.67 -23.08 -6.84
N LYS C 49 31.45 -23.65 -5.64
CA LYS C 49 30.13 -23.73 -4.99
C LYS C 49 29.12 -24.49 -5.85
N ASP C 50 29.60 -25.52 -6.55
CA ASP C 50 28.81 -26.55 -7.22
C ASP C 50 28.13 -26.09 -8.50
N SER C 51 28.04 -24.79 -8.74
CA SER C 51 27.37 -24.33 -9.95
C SER C 51 27.98 -23.12 -10.62
N GLU C 52 28.84 -22.35 -9.96
CA GLU C 52 29.21 -21.05 -10.48
C GLU C 52 30.58 -21.09 -11.15
N ARG C 53 30.84 -20.05 -11.92
CA ARG C 53 32.04 -19.93 -12.74
C ARG C 53 32.75 -18.63 -12.44
N PRO C 54 34.06 -18.65 -12.24
CA PRO C 54 34.82 -17.41 -12.11
C PRO C 54 34.99 -16.72 -13.46
N SER C 55 35.21 -15.41 -13.40
CA SER C 55 35.39 -14.62 -14.61
C SER C 55 36.76 -14.90 -15.21
N GLY C 56 36.77 -15.39 -16.46
CA GLY C 56 38.00 -15.74 -17.11
C GLY C 56 37.97 -17.16 -17.63
N ILE C 57 36.83 -17.83 -17.45
CA ILE C 57 36.66 -19.22 -17.84
C ILE C 57 35.64 -19.25 -18.98
N PRO C 58 35.89 -20.01 -20.05
CA PRO C 58 34.93 -20.07 -21.15
C PRO C 58 33.58 -20.58 -20.69
N GLU C 59 32.52 -20.04 -21.29
CA GLU C 59 31.15 -20.33 -20.87
C GLU C 59 30.71 -21.75 -21.18
N ARG C 60 31.60 -22.59 -21.70
CA ARG C 60 31.28 -23.99 -21.96
C ARG C 60 31.53 -24.89 -20.76
N PHE C 61 31.91 -24.32 -19.62
CA PHE C 61 32.16 -25.06 -18.39
C PHE C 61 30.98 -24.87 -17.46
N SER C 62 30.41 -25.99 -16.98
CA SER C 62 29.30 -25.92 -16.05
C SER C 62 29.30 -27.16 -15.16
N GLY C 63 28.63 -27.05 -14.03
CA GLY C 63 28.52 -28.15 -13.08
C GLY C 63 27.16 -28.13 -12.41
N SER C 64 26.78 -29.29 -11.88
CA SER C 64 25.49 -29.44 -11.22
C SER C 64 25.63 -30.44 -10.08
N SER C 65 24.68 -30.35 -9.15
CA SER C 65 24.67 -31.20 -7.97
C SER C 65 23.32 -31.92 -7.89
N SER C 66 23.36 -33.23 -7.68
CA SER C 66 22.15 -34.06 -7.61
C SER C 66 22.33 -35.06 -6.48
N GLY C 67 21.91 -34.68 -5.27
CA GLY C 67 22.03 -35.57 -4.13
C GLY C 67 23.46 -35.69 -3.64
N THR C 68 23.97 -36.93 -3.60
CA THR C 68 25.33 -37.19 -3.15
C THR C 68 26.31 -37.27 -4.31
N THR C 69 26.03 -36.58 -5.40
CA THR C 69 26.89 -36.62 -6.58
C THR C 69 26.91 -35.25 -7.22
N VAL C 70 28.09 -34.82 -7.66
CA VAL C 70 28.26 -33.58 -8.41
C VAL C 70 28.96 -33.91 -9.71
N THR C 71 28.48 -33.32 -10.80
CA THR C 71 28.96 -33.61 -12.14
C THR C 71 29.51 -32.36 -12.79
N LEU C 72 30.66 -32.49 -13.45
CA LEU C 72 31.22 -31.43 -14.27
C LEU C 72 31.03 -31.81 -15.74
N THR C 73 30.40 -30.92 -16.51
CA THR C 73 30.08 -31.18 -17.90
C THR C 73 30.83 -30.17 -18.77
N ILE C 74 31.42 -30.65 -19.86
CA ILE C 74 32.14 -29.80 -20.80
C ILE C 74 31.40 -29.87 -22.13
N SER C 75 30.65 -28.82 -22.45
CA SER C 75 29.69 -28.90 -23.55
C SER C 75 30.38 -28.99 -24.90
N GLY C 76 31.00 -27.90 -25.33
CA GLY C 76 31.69 -27.86 -26.62
C GLY C 76 33.16 -28.18 -26.65
N VAL C 77 33.56 -29.45 -26.49
CA VAL C 77 34.95 -29.81 -26.26
C VAL C 77 35.85 -29.44 -27.45
N GLN C 78 36.80 -28.53 -27.23
CA GLN C 78 37.85 -28.29 -28.21
C GLN C 78 39.05 -29.18 -27.91
N ALA C 79 40.19 -28.87 -28.51
CA ALA C 79 41.47 -29.51 -28.22
C ALA C 79 42.10 -29.03 -26.93
N GLU C 80 41.90 -27.77 -26.55
CA GLU C 80 42.53 -27.23 -25.34
C GLU C 80 41.80 -27.62 -24.07
N ASP C 81 41.48 -28.91 -23.91
CA ASP C 81 40.82 -29.42 -22.73
C ASP C 81 41.43 -30.72 -22.25
N GLU C 82 42.63 -31.06 -22.71
CA GLU C 82 43.32 -32.28 -22.30
C GLU C 82 44.09 -31.98 -21.03
N ALA C 83 43.43 -32.18 -19.89
CA ALA C 83 44.02 -31.87 -18.59
C ALA C 83 43.56 -32.93 -17.60
N ASP C 84 43.79 -32.68 -16.32
CA ASP C 84 43.25 -33.49 -15.24
C ASP C 84 42.30 -32.62 -14.43
N TYR C 85 41.18 -33.19 -14.03
CA TYR C 85 40.15 -32.46 -13.32
C TYR C 85 39.99 -33.06 -11.93
N TYR C 86 40.09 -32.22 -10.90
CA TYR C 86 40.12 -32.65 -9.51
C TYR C 86 38.93 -32.08 -8.75
N CYS C 87 38.39 -32.89 -7.87
CA CYS C 87 37.21 -32.56 -7.08
C CYS C 87 37.63 -32.29 -5.64
N GLN C 88 37.17 -31.17 -5.09
CA GLN C 88 37.50 -30.80 -3.72
C GLN C 88 36.21 -30.64 -2.92
N SER C 89 36.18 -31.27 -1.75
CA SER C 89 35.05 -31.15 -0.83
C SER C 89 35.61 -31.08 0.59
N ALA C 90 34.73 -31.18 1.58
CA ALA C 90 35.13 -31.01 2.96
C ALA C 90 34.34 -31.94 3.87
N ASP C 91 34.85 -32.11 5.08
CA ASP C 91 34.19 -32.83 6.15
C ASP C 91 34.61 -32.18 7.47
N SER C 92 33.64 -31.94 8.34
CA SER C 92 33.89 -31.14 9.53
C SER C 92 34.89 -31.81 10.47
N SER C 93 35.64 -30.97 11.18
CA SER C 93 36.60 -31.43 12.18
C SER C 93 36.79 -30.32 13.20
N ASP C 94 37.69 -30.55 14.15
CA ASP C 94 38.03 -29.54 15.15
C ASP C 94 39.51 -29.23 15.20
N THR C 95 40.37 -30.18 14.84
CA THR C 95 41.81 -30.01 14.93
C THR C 95 42.55 -30.32 13.65
N TYR C 96 41.90 -30.89 12.64
CA TYR C 96 42.52 -31.25 11.38
C TYR C 96 42.00 -30.35 10.26
N VAL C 97 42.64 -30.46 9.11
CA VAL C 97 42.25 -29.70 7.93
C VAL C 97 40.98 -30.32 7.36
N PRO C 98 39.94 -29.54 7.08
CA PRO C 98 38.67 -30.12 6.65
C PRO C 98 38.66 -30.63 5.22
N TYR C 99 39.56 -30.14 4.37
CA TYR C 99 39.45 -30.33 2.94
C TYR C 99 40.05 -31.65 2.49
N VAL C 100 39.54 -32.14 1.37
CA VAL C 100 40.00 -33.40 0.77
C VAL C 100 39.85 -33.29 -0.74
N PHE C 101 40.83 -33.82 -1.47
CA PHE C 101 40.81 -33.81 -2.92
C PHE C 101 40.26 -35.14 -3.46
N GLY C 102 39.68 -35.07 -4.65
CA GLY C 102 39.30 -36.26 -5.37
C GLY C 102 40.52 -36.91 -6.02
N THR C 103 40.29 -38.07 -6.61
CA THR C 103 41.38 -38.87 -7.17
C THR C 103 41.88 -38.37 -8.51
N GLY C 104 40.99 -37.86 -9.36
CA GLY C 104 41.40 -37.33 -10.64
C GLY C 104 40.68 -37.91 -11.83
N THR C 105 40.87 -37.31 -13.00
CA THR C 105 40.23 -37.76 -14.23
C THR C 105 41.05 -37.23 -15.39
N LYS C 106 41.69 -38.12 -16.14
CA LYS C 106 42.56 -37.73 -17.25
C LYS C 106 41.72 -37.67 -18.53
N VAL C 107 41.09 -36.52 -18.75
CA VAL C 107 40.31 -36.30 -19.96
C VAL C 107 41.23 -36.24 -21.16
N VAL D 2 -35.04 12.08 -32.56
CA VAL D 2 -35.42 13.14 -31.64
C VAL D 2 -35.79 14.39 -32.42
N GLN D 3 -37.05 14.76 -32.40
CA GLN D 3 -37.48 15.97 -33.10
C GLN D 3 -38.81 16.45 -32.53
N LEU D 4 -39.00 17.77 -32.56
CA LEU D 4 -40.27 18.40 -32.27
C LEU D 4 -40.80 19.05 -33.53
N VAL D 5 -42.06 18.79 -33.87
CA VAL D 5 -42.67 19.31 -35.08
C VAL D 5 -43.85 20.19 -34.69
N GLN D 6 -43.81 21.44 -35.12
CA GLN D 6 -44.87 22.37 -34.81
C GLN D 6 -45.94 22.33 -35.90
N SER D 7 -46.92 23.22 -35.79
CA SER D 7 -47.98 23.34 -36.78
C SER D 7 -47.68 24.48 -37.73
N GLY D 8 -48.58 24.69 -38.69
CA GLY D 8 -48.34 25.67 -39.72
C GLY D 8 -48.60 27.10 -39.28
N ALA D 9 -48.20 28.04 -40.13
CA ALA D 9 -48.41 29.45 -39.85
C ALA D 9 -49.89 29.80 -39.87
N GLU D 10 -50.26 30.79 -39.07
CA GLU D 10 -51.65 31.19 -38.92
C GLU D 10 -51.77 32.69 -39.12
N VAL D 11 -52.85 33.09 -39.80
CA VAL D 11 -53.22 34.50 -39.94
C VAL D 11 -54.63 34.66 -39.40
N LYS D 12 -54.79 35.51 -38.38
CA LYS D 12 -56.05 35.62 -37.68
C LYS D 12 -56.36 37.09 -37.40
N LYS D 13 -57.63 37.36 -37.12
CA LYS D 13 -58.12 38.68 -36.79
C LYS D 13 -58.27 38.84 -35.28
N PRO D 14 -58.06 40.04 -34.75
CA PRO D 14 -58.13 40.24 -33.30
C PRO D 14 -59.49 39.85 -32.75
N GLY D 15 -59.47 39.22 -31.57
CA GLY D 15 -60.68 38.80 -30.91
C GLY D 15 -60.99 37.32 -31.02
N GLU D 16 -60.30 36.58 -31.89
CA GLU D 16 -60.53 35.16 -32.04
C GLU D 16 -59.63 34.37 -31.08
N SER D 17 -59.68 33.04 -31.18
CA SER D 17 -58.85 32.16 -30.36
C SER D 17 -57.89 31.42 -31.27
N LEU D 18 -56.92 30.74 -30.65
CA LEU D 18 -55.89 30.07 -31.42
C LEU D 18 -55.23 29.00 -30.54
N LYS D 19 -54.74 27.96 -31.19
CA LYS D 19 -54.13 26.82 -30.52
C LYS D 19 -53.06 26.25 -31.43
N ILE D 20 -51.81 26.25 -30.96
CA ILE D 20 -50.70 25.76 -31.75
C ILE D 20 -50.07 24.59 -31.00
N SER D 21 -49.59 23.60 -31.77
CA SER D 21 -49.15 22.34 -31.22
C SER D 21 -47.68 22.10 -31.52
N CYS D 22 -47.08 21.19 -30.77
CA CYS D 22 -45.66 20.85 -30.93
C CYS D 22 -45.51 19.37 -30.57
N LYS D 23 -45.55 18.52 -31.59
CA LYS D 23 -45.58 17.08 -31.41
C LYS D 23 -44.16 16.54 -31.33
N GLY D 24 -43.78 16.05 -30.15
CA GLY D 24 -42.47 15.47 -29.98
C GLY D 24 -42.43 13.98 -30.27
N SER D 25 -41.27 13.52 -30.73
CA SER D 25 -41.13 12.10 -31.09
C SER D 25 -39.67 11.73 -31.06
N GLY D 26 -39.40 10.43 -30.94
CA GLY D 26 -38.05 9.91 -30.92
C GLY D 26 -37.44 9.76 -29.56
N TYR D 27 -38.11 10.20 -28.51
CA TYR D 27 -37.61 10.11 -27.15
C TYR D 27 -38.81 10.01 -26.22
N SER D 28 -38.53 9.84 -24.93
CA SER D 28 -39.59 9.78 -23.93
C SER D 28 -40.11 11.18 -23.65
N PHE D 29 -41.35 11.46 -24.05
CA PHE D 29 -41.92 12.79 -23.91
C PHE D 29 -42.13 13.20 -22.46
N THR D 30 -42.27 12.25 -21.54
CA THR D 30 -42.64 12.54 -20.17
C THR D 30 -41.46 12.52 -19.21
N SER D 31 -40.24 12.71 -19.72
CA SER D 31 -39.07 12.81 -18.87
C SER D 31 -38.36 14.15 -18.99
N TYR D 32 -38.92 15.10 -19.75
CA TYR D 32 -38.28 16.37 -19.99
C TYR D 32 -39.32 17.47 -19.95
N TRP D 33 -38.88 18.67 -19.63
CA TRP D 33 -39.75 19.83 -19.70
C TRP D 33 -39.91 20.27 -21.15
N ILE D 34 -40.90 21.13 -21.39
CA ILE D 34 -41.11 21.73 -22.69
C ILE D 34 -41.21 23.24 -22.50
N GLY D 35 -40.35 23.99 -23.17
CA GLY D 35 -40.33 25.44 -23.06
C GLY D 35 -40.96 26.09 -24.28
N TRP D 36 -41.48 27.30 -24.09
CA TRP D 36 -42.01 28.11 -25.18
C TRP D 36 -41.29 29.45 -25.16
N VAL D 37 -40.78 29.87 -26.31
CA VAL D 37 -39.97 31.07 -26.44
C VAL D 37 -40.56 31.93 -27.54
N ARG D 38 -40.64 33.23 -27.29
CA ARG D 38 -41.17 34.17 -28.26
C ARG D 38 -40.04 35.03 -28.83
N GLN D 39 -40.22 35.46 -30.07
CA GLN D 39 -39.27 36.38 -30.70
C GLN D 39 -40.06 37.29 -31.64
N MET D 40 -40.30 38.51 -31.20
CA MET D 40 -40.98 39.48 -32.05
C MET D 40 -40.09 39.88 -33.21
N PRO D 41 -40.67 40.28 -34.34
CA PRO D 41 -39.86 40.59 -35.53
C PRO D 41 -38.82 41.68 -35.25
N GLY D 42 -37.56 41.34 -35.52
CA GLY D 42 -36.46 42.25 -35.26
C GLY D 42 -36.20 42.52 -33.80
N LYS D 43 -36.31 41.50 -32.94
CA LYS D 43 -36.09 41.64 -31.51
C LYS D 43 -35.41 40.38 -30.99
N GLY D 44 -35.15 40.36 -29.68
CA GLY D 44 -34.52 39.23 -29.04
C GLY D 44 -35.52 38.18 -28.62
N LEU D 45 -35.02 37.19 -27.90
CA LEU D 45 -35.83 36.08 -27.42
C LEU D 45 -36.30 36.36 -26.01
N GLU D 46 -37.44 35.78 -25.63
CA GLU D 46 -37.97 35.92 -24.28
C GLU D 46 -38.74 34.65 -23.91
N TRP D 47 -38.54 34.18 -22.69
CA TRP D 47 -39.17 32.94 -22.23
C TRP D 47 -40.65 33.15 -21.97
N MET D 48 -41.44 32.13 -22.30
CA MET D 48 -42.87 32.12 -22.00
C MET D 48 -43.22 31.13 -20.90
N GLY D 49 -42.25 30.49 -20.28
CA GLY D 49 -42.50 29.50 -19.24
C GLY D 49 -42.41 28.09 -19.79
N ILE D 50 -42.41 27.14 -18.87
CA ILE D 50 -42.21 25.73 -19.19
C ILE D 50 -43.36 24.90 -18.64
N ILE D 51 -43.58 23.75 -19.27
CA ILE D 51 -44.57 22.77 -18.81
C ILE D 51 -43.92 21.40 -18.76
N TYR D 52 -44.29 20.62 -17.75
CA TYR D 52 -43.76 19.28 -17.54
C TYR D 52 -44.85 18.27 -17.84
N PRO D 53 -44.80 17.58 -18.97
CA PRO D 53 -45.82 16.57 -19.26
C PRO D 53 -45.75 15.41 -18.29
N GLY D 54 -46.91 14.82 -18.04
CA GLY D 54 -47.09 13.83 -17.00
C GLY D 54 -47.57 14.41 -15.69
N ASP D 55 -46.68 15.05 -14.94
CA ASP D 55 -47.07 15.88 -13.80
C ASP D 55 -47.27 17.27 -14.41
N SER D 56 -48.48 17.51 -14.95
CA SER D 56 -48.64 18.59 -15.90
C SER D 56 -48.47 19.94 -15.21
N ASP D 57 -47.26 20.18 -14.72
CA ASP D 57 -46.92 21.39 -13.98
C ASP D 57 -46.54 22.50 -14.95
N THR D 58 -47.04 23.70 -14.68
CA THR D 58 -46.75 24.86 -15.49
C THR D 58 -46.09 25.92 -14.62
N ARG D 59 -45.07 26.58 -15.17
CA ARG D 59 -44.35 27.63 -14.46
C ARG D 59 -44.22 28.81 -15.41
N TYR D 60 -45.19 29.70 -15.39
CA TYR D 60 -45.26 30.81 -16.33
C TYR D 60 -44.23 31.88 -16.00
N SER D 61 -43.90 32.66 -16.99
CA SER D 61 -43.26 33.94 -16.76
C SER D 61 -44.33 34.94 -16.34
N PRO D 62 -44.00 35.88 -15.44
CA PRO D 62 -45.03 36.82 -14.97
C PRO D 62 -45.65 37.65 -16.07
N SER D 63 -44.92 37.94 -17.15
CA SER D 63 -45.45 38.76 -18.22
C SER D 63 -46.51 38.05 -19.05
N PHE D 64 -46.69 36.75 -18.87
CA PHE D 64 -47.59 35.98 -19.73
C PHE D 64 -48.70 35.27 -18.98
N GLN D 65 -48.66 35.24 -17.65
CA GLN D 65 -49.68 34.53 -16.89
C GLN D 65 -51.05 35.13 -17.12
N GLY D 66 -52.03 34.26 -17.40
CA GLY D 66 -53.37 34.72 -17.70
C GLY D 66 -53.55 35.05 -19.16
N GLN D 67 -52.54 35.65 -19.79
CA GLN D 67 -52.63 35.98 -21.20
C GLN D 67 -52.67 34.73 -22.07
N VAL D 68 -51.84 33.74 -21.74
CA VAL D 68 -51.72 32.53 -22.54
C VAL D 68 -51.87 31.32 -21.62
N THR D 69 -52.30 30.21 -22.18
CA THR D 69 -52.54 28.98 -21.42
C THR D 69 -51.75 27.84 -22.05
N MET D 70 -50.86 27.25 -21.28
CA MET D 70 -50.02 26.14 -21.73
C MET D 70 -50.61 24.84 -21.21
N SER D 71 -50.84 23.90 -22.12
CA SER D 71 -51.37 22.59 -21.77
C SER D 71 -50.52 21.51 -22.43
N ALA D 72 -50.84 20.26 -22.14
CA ALA D 72 -50.10 19.14 -22.71
C ALA D 72 -51.05 17.98 -22.94
N ASP D 73 -50.52 16.93 -23.55
CA ASP D 73 -51.30 15.73 -23.84
C ASP D 73 -50.33 14.55 -23.86
N ARG D 74 -50.26 13.84 -22.73
CA ARG D 74 -49.27 12.78 -22.58
C ARG D 74 -49.42 11.71 -23.65
N SER D 75 -50.65 11.27 -23.91
CA SER D 75 -50.87 10.08 -24.73
C SER D 75 -50.39 10.27 -26.16
N ILE D 76 -50.63 11.45 -26.75
CA ILE D 76 -50.26 11.70 -28.14
C ILE D 76 -48.87 12.32 -28.22
N SER D 77 -48.30 12.73 -27.08
CA SER D 77 -47.01 13.44 -27.03
C SER D 77 -47.10 14.77 -27.77
N THR D 78 -48.05 15.59 -27.37
CA THR D 78 -48.29 16.89 -27.98
C THR D 78 -48.47 17.93 -26.89
N ALA D 79 -47.79 19.06 -27.04
CA ALA D 79 -47.94 20.20 -26.15
C ALA D 79 -48.66 21.32 -26.91
N TYR D 80 -49.38 22.15 -26.17
CA TYR D 80 -50.27 23.15 -26.77
C TYR D 80 -50.05 24.52 -26.15
N LEU D 81 -50.54 25.53 -26.85
CA LEU D 81 -50.46 26.91 -26.38
C LEU D 81 -51.71 27.63 -26.89
N GLN D 82 -52.59 28.03 -25.98
CA GLN D 82 -53.92 28.52 -26.32
C GLN D 82 -54.08 29.99 -25.94
N TRP D 83 -54.65 30.77 -26.85
CA TRP D 83 -55.07 32.13 -26.59
C TRP D 83 -56.60 32.20 -26.52
N SER D 84 -57.10 33.20 -25.79
CA SER D 84 -58.52 33.43 -25.67
C SER D 84 -59.02 34.57 -26.55
N SER D 85 -58.22 35.61 -26.75
CA SER D 85 -58.59 36.71 -27.65
C SER D 85 -57.31 37.35 -28.14
N LEU D 86 -56.94 37.06 -29.38
CA LEU D 86 -55.68 37.55 -29.93
C LEU D 86 -55.70 39.07 -30.04
N LYS D 87 -54.55 39.67 -29.70
CA LYS D 87 -54.37 41.11 -29.80
C LYS D 87 -53.43 41.42 -30.95
N ALA D 88 -53.40 42.68 -31.36
CA ALA D 88 -52.53 43.08 -32.46
C ALA D 88 -51.06 42.92 -32.12
N SER D 89 -50.70 42.98 -30.84
CA SER D 89 -49.32 42.83 -30.39
C SER D 89 -48.91 41.37 -30.21
N ASP D 90 -49.65 40.43 -30.80
CA ASP D 90 -49.33 39.02 -30.73
C ASP D 90 -48.61 38.52 -31.98
N THR D 91 -48.24 39.42 -32.89
CA THR D 91 -47.52 39.04 -34.08
C THR D 91 -46.07 38.76 -33.72
N ALA D 92 -45.67 37.49 -33.80
CA ALA D 92 -44.32 37.11 -33.39
C ALA D 92 -44.02 35.72 -33.92
N MET D 93 -42.89 35.18 -33.50
CA MET D 93 -42.47 33.81 -33.77
C MET D 93 -42.48 33.04 -32.47
N TYR D 94 -43.04 31.84 -32.48
CA TYR D 94 -43.17 31.01 -31.28
C TYR D 94 -42.43 29.70 -31.49
N TYR D 95 -41.45 29.43 -30.62
CA TYR D 95 -40.66 28.21 -30.66
C TYR D 95 -41.03 27.32 -29.50
N CYS D 96 -41.18 26.04 -29.75
CA CYS D 96 -41.14 25.06 -28.68
C CYS D 96 -39.75 24.47 -28.60
N ALA D 97 -39.40 23.98 -27.42
CA ALA D 97 -38.04 23.53 -27.17
C ALA D 97 -38.06 22.50 -26.06
N ARG D 98 -36.98 21.74 -25.96
CA ARG D 98 -36.84 20.70 -24.95
C ARG D 98 -35.82 21.18 -23.93
N SER D 99 -36.24 21.27 -22.67
CA SER D 99 -35.40 21.77 -21.60
C SER D 99 -34.92 20.62 -20.74
N ASN D 100 -33.62 20.57 -20.47
CA ASN D 100 -33.09 19.61 -19.54
C ASN D 100 -33.18 20.16 -18.11
N VAL D 101 -32.97 19.28 -17.14
CA VAL D 101 -33.06 19.71 -15.75
C VAL D 101 -31.92 20.66 -15.39
N ASP D 102 -30.73 20.46 -15.96
CA ASP D 102 -29.61 21.36 -15.68
C ASP D 102 -29.73 22.71 -16.39
N GLY D 103 -30.69 22.87 -17.29
CA GLY D 103 -31.02 24.16 -17.83
C GLY D 103 -30.68 24.39 -19.28
N SER D 104 -30.19 23.38 -19.99
CA SER D 104 -29.76 23.54 -21.36
C SER D 104 -30.90 23.16 -22.31
N THR D 105 -31.21 24.05 -23.23
CA THR D 105 -32.23 23.80 -24.25
C THR D 105 -31.57 23.08 -25.42
N ASP D 106 -32.00 21.85 -25.68
CA ASP D 106 -31.31 20.97 -26.61
C ASP D 106 -31.88 21.05 -28.03
N TYR D 107 -33.16 20.75 -28.19
CA TYR D 107 -33.77 20.69 -29.51
C TYR D 107 -34.83 21.76 -29.62
N TRP D 108 -34.99 22.29 -30.83
CA TRP D 108 -35.98 23.33 -31.11
C TRP D 108 -36.83 22.87 -32.27
N GLY D 109 -38.08 23.31 -32.27
CA GLY D 109 -38.92 23.17 -33.44
C GLY D 109 -38.62 24.26 -34.45
N GLN D 110 -39.22 24.12 -35.63
CA GLN D 110 -38.94 25.07 -36.69
C GLN D 110 -39.56 26.44 -36.41
N GLY D 111 -40.63 26.49 -35.63
CA GLY D 111 -41.29 27.73 -35.29
C GLY D 111 -42.65 27.86 -35.95
N THR D 112 -43.40 28.85 -35.47
CA THR D 112 -44.76 29.08 -35.95
C THR D 112 -45.00 30.57 -36.09
N LEU D 113 -45.18 31.03 -37.32
CA LEU D 113 -45.61 32.40 -37.55
C LEU D 113 -47.03 32.60 -37.05
N VAL D 114 -47.27 33.72 -36.37
CA VAL D 114 -48.61 34.13 -35.97
C VAL D 114 -48.76 35.59 -36.38
N THR D 115 -49.56 35.85 -37.39
CA THR D 115 -49.79 37.19 -37.89
C THR D 115 -51.22 37.62 -37.57
N VAL D 116 -51.36 38.77 -36.93
CA VAL D 116 -52.65 39.27 -36.48
C VAL D 116 -52.89 40.61 -37.14
N SER D 117 -54.02 40.74 -37.84
CA SER D 117 -54.32 41.96 -38.57
C SER D 117 -55.83 42.02 -38.82
N SER D 118 -56.28 43.13 -39.40
CA SER D 118 -57.68 43.30 -39.74
C SER D 118 -57.86 43.41 -41.26
N LEU E 4 -29.62 40.14 -17.38
CA LEU E 4 -28.33 40.04 -18.04
C LEU E 4 -28.19 41.12 -19.11
N THR E 5 -27.00 41.70 -19.22
CA THR E 5 -26.73 42.75 -20.17
C THR E 5 -25.58 42.35 -21.09
N GLN E 6 -25.69 42.74 -22.35
CA GLN E 6 -24.72 42.43 -23.40
C GLN E 6 -24.42 43.69 -24.19
N PRO E 7 -23.27 43.73 -24.86
CA PRO E 7 -23.01 44.80 -25.82
C PRO E 7 -23.98 44.69 -26.99
N PRO E 8 -24.58 45.82 -27.40
CA PRO E 8 -25.49 45.78 -28.55
C PRO E 8 -24.86 45.25 -29.84
N SER E 9 -23.58 45.55 -30.10
CA SER E 9 -22.99 45.15 -31.36
C SER E 9 -21.48 44.94 -31.20
N VAL E 10 -20.92 44.18 -32.13
CA VAL E 10 -19.49 43.89 -32.18
C VAL E 10 -19.09 43.76 -33.64
N SER E 11 -18.05 44.49 -34.05
CA SER E 11 -17.59 44.49 -35.43
C SER E 11 -16.11 44.16 -35.48
N VAL E 12 -15.76 43.14 -36.27
CA VAL E 12 -14.37 42.73 -36.44
C VAL E 12 -14.19 42.21 -37.86
N SER E 13 -13.02 42.48 -38.44
CA SER E 13 -12.63 41.95 -39.73
C SER E 13 -12.27 40.48 -39.61
N PRO E 14 -12.27 39.72 -40.71
CA PRO E 14 -11.93 38.30 -40.61
C PRO E 14 -10.52 38.11 -40.09
N GLY E 15 -10.35 37.10 -39.24
CA GLY E 15 -9.02 36.70 -38.80
C GLY E 15 -8.74 36.84 -37.33
N GLN E 16 -9.15 37.95 -36.72
CA GLN E 16 -8.86 38.18 -35.31
C GLN E 16 -9.95 37.55 -34.44
N THR E 17 -9.95 37.91 -33.16
CA THR E 17 -10.92 37.38 -32.21
C THR E 17 -12.06 38.36 -31.99
N ALA E 18 -13.19 37.83 -31.55
CA ALA E 18 -14.31 38.62 -31.09
C ALA E 18 -14.65 38.20 -29.66
N ARG E 19 -14.88 39.18 -28.79
CA ARG E 19 -15.19 38.93 -27.40
C ARG E 19 -16.53 39.56 -27.05
N ILE E 20 -17.47 38.73 -26.62
CA ILE E 20 -18.80 39.16 -26.22
C ILE E 20 -18.98 38.84 -24.75
N THR E 21 -19.40 39.83 -23.98
CA THR E 21 -19.54 39.69 -22.53
C THR E 21 -21.02 39.71 -22.14
N CYS E 22 -21.32 39.01 -21.05
CA CYS E 22 -22.69 38.95 -20.52
C CYS E 22 -22.56 39.12 -19.02
N SER E 23 -23.23 40.13 -18.46
CA SER E 23 -23.04 40.51 -17.07
C SER E 23 -24.31 40.29 -16.26
N GLY E 24 -24.18 39.66 -15.10
CA GLY E 24 -25.32 39.42 -14.24
C GLY E 24 -24.87 39.19 -12.82
N ASP E 25 -25.78 39.50 -11.89
CA ASP E 25 -25.48 39.44 -10.47
C ASP E 25 -25.46 38.02 -9.92
N ALA E 26 -26.25 37.12 -10.48
CA ALA E 26 -26.35 35.75 -9.98
C ALA E 26 -25.47 34.78 -10.74
N LEU E 27 -24.64 35.26 -11.67
CA LEU E 27 -23.78 34.36 -12.43
C LEU E 27 -22.76 33.59 -11.59
N PRO E 28 -22.25 34.10 -10.47
CA PRO E 28 -21.38 33.24 -9.66
C PRO E 28 -22.04 31.94 -9.20
N LYS E 29 -23.35 31.94 -9.00
CA LYS E 29 -24.04 30.78 -8.46
C LYS E 29 -24.85 29.99 -9.48
N GLN E 30 -24.84 30.39 -10.75
CA GLN E 30 -25.66 29.75 -11.78
C GLN E 30 -24.84 29.47 -13.02
N TYR E 31 -25.31 28.50 -13.79
CA TYR E 31 -24.71 28.16 -15.08
C TYR E 31 -25.07 29.21 -16.13
N ALA E 32 -24.27 29.25 -17.20
CA ALA E 32 -24.52 30.15 -18.31
C ALA E 32 -24.39 29.37 -19.61
N PHE E 33 -25.19 29.76 -20.60
CA PHE E 33 -25.25 29.09 -21.89
C PHE E 33 -25.21 30.14 -23.00
N TRP E 34 -24.74 29.73 -24.18
CA TRP E 34 -24.62 30.63 -25.32
C TRP E 34 -25.31 30.02 -26.53
N TYR E 35 -26.11 30.83 -27.22
CA TYR E 35 -26.87 30.40 -28.39
C TYR E 35 -26.52 31.27 -29.58
N GLN E 36 -26.44 30.66 -30.76
CA GLN E 36 -26.19 31.36 -32.00
C GLN E 36 -27.38 31.19 -32.93
N GLN E 37 -27.92 32.31 -33.42
CA GLN E 37 -29.07 32.26 -34.31
C GLN E 37 -28.79 33.10 -35.54
N LYS E 38 -28.75 32.44 -36.70
CA LYS E 38 -28.57 33.10 -37.98
C LYS E 38 -29.91 33.56 -38.54
N PRO E 39 -29.91 34.57 -39.41
CA PRO E 39 -31.17 35.08 -39.95
C PRO E 39 -31.94 34.00 -40.71
N GLY E 40 -33.15 33.71 -40.22
CA GLY E 40 -34.03 32.78 -40.89
C GLY E 40 -34.10 31.38 -40.31
N GLN E 41 -33.40 31.11 -39.21
CA GLN E 41 -33.43 29.79 -38.60
C GLN E 41 -33.57 29.94 -37.09
N ALA E 42 -33.77 28.81 -36.42
CA ALA E 42 -33.92 28.53 -35.00
C ALA E 42 -32.57 28.56 -34.30
N PRO E 43 -32.55 28.94 -33.02
CA PRO E 43 -31.27 29.06 -32.31
C PRO E 43 -30.58 27.70 -32.14
N VAL E 44 -29.27 27.78 -31.97
CA VAL E 44 -28.41 26.60 -31.85
C VAL E 44 -27.52 26.77 -30.63
N LEU E 45 -27.48 25.76 -29.77
CA LEU E 45 -26.60 25.81 -28.61
C LEU E 45 -25.14 25.73 -29.04
N VAL E 46 -24.31 26.61 -28.48
CA VAL E 46 -22.92 26.76 -28.89
C VAL E 46 -21.96 26.48 -27.74
N ILE E 47 -22.27 27.00 -26.55
CA ILE E 47 -21.43 26.82 -25.37
C ILE E 47 -22.36 26.61 -24.18
N TYR E 48 -22.22 25.47 -23.50
CA TYR E 48 -23.10 25.14 -22.39
C TYR E 48 -22.29 24.96 -21.11
N LYS E 49 -22.88 25.37 -19.99
CA LYS E 49 -22.22 25.44 -18.69
C LYS E 49 -21.01 26.37 -18.73
N ASP E 50 -21.09 27.38 -19.58
CA ASP E 50 -20.15 28.49 -19.72
C ASP E 50 -18.69 28.07 -19.89
N SER E 51 -18.44 26.79 -20.13
CA SER E 51 -17.08 26.35 -20.45
C SER E 51 -16.99 25.31 -21.56
N GLU E 52 -18.03 24.51 -21.80
CA GLU E 52 -17.94 23.34 -22.65
C GLU E 52 -18.60 23.58 -24.00
N ARG E 53 -18.33 22.67 -24.94
CA ARG E 53 -18.81 22.78 -26.30
C ARG E 53 -19.49 21.50 -26.74
N PRO E 54 -20.69 21.57 -27.28
CA PRO E 54 -21.37 20.37 -27.77
C PRO E 54 -20.73 19.84 -29.04
N SER E 55 -21.02 18.58 -29.34
CA SER E 55 -20.51 17.95 -30.55
C SER E 55 -21.07 18.65 -31.78
N GLY E 56 -20.30 18.65 -32.86
CA GLY E 56 -20.70 19.30 -34.09
C GLY E 56 -20.44 20.78 -34.16
N ILE E 57 -19.65 21.33 -33.26
CA ILE E 57 -19.37 22.77 -33.22
C ILE E 57 -17.87 22.96 -33.43
N PRO E 58 -17.46 23.93 -34.24
CA PRO E 58 -16.03 24.14 -34.49
C PRO E 58 -15.27 24.51 -33.22
N GLU E 59 -13.99 24.16 -33.20
CA GLU E 59 -13.13 24.36 -32.05
C GLU E 59 -12.67 25.80 -31.86
N ARG E 60 -13.14 26.73 -32.69
CA ARG E 60 -12.85 28.14 -32.47
C ARG E 60 -13.78 28.77 -31.45
N PHE E 61 -14.80 28.04 -30.99
CA PHE E 61 -15.76 28.54 -30.01
C PHE E 61 -15.35 28.09 -28.62
N SER E 62 -15.22 29.04 -27.71
CA SER E 62 -14.93 28.72 -26.32
C SER E 62 -15.40 29.88 -25.44
N GLY E 63 -15.58 29.58 -24.15
CA GLY E 63 -16.07 30.56 -23.22
C GLY E 63 -15.34 30.48 -21.90
N SER E 64 -15.47 31.54 -21.11
CA SER E 64 -14.86 31.61 -19.80
C SER E 64 -15.69 32.55 -18.92
N SER E 65 -15.57 32.35 -17.62
CA SER E 65 -16.29 33.16 -16.64
C SER E 65 -15.31 33.74 -15.62
N SER E 66 -15.64 34.93 -15.12
CA SER E 66 -14.77 35.61 -14.16
C SER E 66 -15.64 36.42 -13.22
N GLY E 67 -15.95 35.85 -12.06
CA GLY E 67 -16.78 36.53 -11.09
C GLY E 67 -18.22 36.68 -11.53
N THR E 68 -18.66 37.93 -11.71
CA THR E 68 -20.04 38.23 -12.09
C THR E 68 -20.18 38.49 -13.58
N THR E 69 -19.15 38.17 -14.37
CA THR E 69 -19.21 38.36 -15.81
C THR E 69 -18.79 37.07 -16.49
N VAL E 70 -19.35 36.84 -17.67
CA VAL E 70 -19.00 35.69 -18.50
C VAL E 70 -18.82 36.18 -19.92
N THR E 71 -17.88 35.59 -20.65
CA THR E 71 -17.58 36.03 -22.00
C THR E 71 -17.44 34.84 -22.94
N LEU E 72 -17.83 35.07 -24.20
CA LEU E 72 -17.69 34.10 -25.27
C LEU E 72 -16.70 34.65 -26.29
N THR E 73 -15.75 33.80 -26.71
CA THR E 73 -14.71 34.22 -27.62
C THR E 73 -14.68 33.32 -28.85
N ILE E 74 -14.48 33.93 -30.02
CA ILE E 74 -14.31 33.21 -31.27
C ILE E 74 -12.89 33.49 -31.75
N SER E 75 -12.06 32.44 -31.79
CA SER E 75 -10.63 32.61 -32.07
C SER E 75 -10.39 33.25 -33.43
N GLY E 76 -10.77 32.58 -34.50
CA GLY E 76 -10.63 33.14 -35.83
C GLY E 76 -11.95 33.44 -36.48
N VAL E 77 -12.29 34.71 -36.62
CA VAL E 77 -13.56 35.10 -37.21
C VAL E 77 -13.61 34.66 -38.66
N GLN E 78 -14.69 34.02 -39.04
CA GLN E 78 -14.93 33.60 -40.42
C GLN E 78 -16.17 34.31 -40.94
N ALA E 79 -16.31 34.33 -42.27
CA ALA E 79 -17.43 35.03 -42.88
C ALA E 79 -18.78 34.42 -42.52
N GLU E 80 -18.80 33.16 -42.07
CA GLU E 80 -20.02 32.47 -41.69
C GLU E 80 -20.32 32.56 -40.20
N ASP E 81 -19.50 33.28 -39.44
CA ASP E 81 -19.67 33.39 -37.99
C ASP E 81 -20.25 34.75 -37.59
N GLU E 82 -21.13 35.31 -38.41
CA GLU E 82 -21.83 36.54 -38.06
C GLU E 82 -23.30 36.19 -37.85
N ALA E 83 -23.82 36.52 -36.68
CA ALA E 83 -25.16 36.13 -36.27
C ALA E 83 -25.52 36.93 -35.02
N ASP E 84 -26.63 36.56 -34.39
CA ASP E 84 -26.99 37.06 -33.07
C ASP E 84 -26.62 36.01 -32.02
N TYR E 85 -26.06 36.47 -30.91
CA TYR E 85 -25.60 35.58 -29.86
C TYR E 85 -26.28 35.97 -28.55
N TYR E 86 -26.92 34.99 -27.90
CA TYR E 86 -27.68 35.20 -26.69
C TYR E 86 -27.09 34.40 -25.54
N CYS E 87 -27.06 34.99 -24.37
CA CYS E 87 -26.67 34.29 -23.14
C CYS E 87 -27.92 34.02 -22.33
N GLN E 88 -28.02 32.82 -21.79
CA GLN E 88 -29.11 32.45 -20.91
C GLN E 88 -28.55 32.11 -19.55
N SER E 89 -29.20 32.59 -18.50
CA SER E 89 -28.85 32.24 -17.13
C SER E 89 -30.15 32.04 -16.37
N ALA E 90 -30.06 31.95 -15.05
CA ALA E 90 -31.23 31.66 -14.24
C ALA E 90 -31.20 32.43 -12.93
N ASP E 91 -32.36 32.49 -12.29
CA ASP E 91 -32.51 32.96 -10.91
C ASP E 91 -33.51 32.05 -10.23
N SER E 92 -33.25 31.73 -8.96
CA SER E 92 -34.08 30.76 -8.25
C SER E 92 -35.50 31.29 -8.06
N SER E 93 -36.45 30.37 -8.01
CA SER E 93 -37.85 30.69 -7.78
C SER E 93 -38.53 29.45 -7.23
N ASP E 94 -39.83 29.56 -7.01
CA ASP E 94 -40.63 28.41 -6.60
C ASP E 94 -41.88 28.20 -7.45
N THR E 95 -42.37 29.22 -8.14
CA THR E 95 -43.57 29.11 -8.96
C THR E 95 -43.44 29.69 -10.36
N TYR E 96 -42.40 30.48 -10.65
CA TYR E 96 -42.20 31.05 -11.97
C TYR E 96 -41.10 30.32 -12.70
N VAL E 97 -40.91 30.68 -13.96
CA VAL E 97 -39.84 30.11 -14.77
C VAL E 97 -38.52 30.71 -14.32
N PRO E 98 -37.46 29.90 -14.19
CA PRO E 98 -36.21 30.45 -13.66
C PRO E 98 -35.31 31.09 -14.71
N TYR E 99 -35.57 30.91 -15.99
CA TYR E 99 -34.61 31.20 -17.04
C TYR E 99 -34.79 32.60 -17.62
N VAL E 100 -33.67 33.24 -17.93
CA VAL E 100 -33.65 34.58 -18.47
C VAL E 100 -32.75 34.60 -19.70
N PHE E 101 -33.20 35.27 -20.76
CA PHE E 101 -32.37 35.50 -21.94
C PHE E 101 -31.69 36.86 -21.85
N GLY E 102 -30.52 36.95 -22.46
CA GLY E 102 -29.86 38.23 -22.62
C GLY E 102 -30.55 39.08 -23.67
N THR E 103 -29.85 40.09 -24.20
CA THR E 103 -30.48 41.02 -25.14
C THR E 103 -30.12 40.70 -26.58
N GLY E 104 -28.89 40.26 -26.84
CA GLY E 104 -28.49 39.94 -28.20
C GLY E 104 -27.32 40.76 -28.69
N THR E 105 -26.36 40.10 -29.32
CA THR E 105 -25.15 40.73 -29.83
C THR E 105 -25.06 40.46 -31.33
N LYS E 106 -25.14 41.53 -32.12
CA LYS E 106 -25.08 41.43 -33.57
C LYS E 106 -23.62 41.52 -33.98
N VAL E 107 -23.07 40.41 -34.47
CA VAL E 107 -21.68 40.37 -34.91
C VAL E 107 -21.65 40.53 -36.43
N THR E 108 -20.75 41.39 -36.93
CA THR E 108 -20.58 41.62 -38.35
C THR E 108 -19.15 41.28 -38.75
N VAL E 109 -18.99 40.46 -39.78
CA VAL E 109 -17.68 40.12 -40.31
C VAL E 109 -17.38 41.04 -41.49
N LEU E 110 -16.56 42.05 -41.25
CA LEU E 110 -16.27 43.05 -42.28
C LEU E 110 -15.32 42.52 -43.33
N HIS F 5 2.06 -2.68 26.22
CA HIS F 5 0.81 -1.99 26.50
C HIS F 5 -0.29 -2.97 26.84
N HIS F 6 -0.76 -2.93 28.08
CA HIS F 6 -1.87 -3.76 28.50
C HIS F 6 -3.18 -3.00 28.37
N GLY F 7 -4.23 -3.75 28.10
CA GLY F 7 -5.55 -3.16 27.91
C GLY F 7 -6.57 -4.26 27.99
N CYS F 8 -7.82 -3.86 28.19
CA CYS F 8 -8.87 -4.83 28.45
C CYS F 8 -10.18 -4.32 27.87
N SER F 9 -10.87 -5.18 27.13
CA SER F 9 -12.11 -4.82 26.44
C SER F 9 -13.29 -5.55 27.07
N VAL F 10 -14.44 -4.88 27.09
CA VAL F 10 -15.58 -5.31 27.89
C VAL F 10 -16.82 -5.43 27.02
N ASP F 11 -17.64 -6.44 27.30
CA ASP F 11 -18.92 -6.66 26.62
C ASP F 11 -20.03 -6.55 27.65
N PHE F 12 -20.81 -5.46 27.56
CA PHE F 12 -21.75 -5.13 28.62
C PHE F 12 -22.92 -6.09 28.66
N SER F 13 -23.36 -6.58 27.51
CA SER F 13 -24.50 -7.50 27.43
C SER F 13 -24.10 -8.95 27.68
N LYS F 14 -22.91 -9.19 28.22
CA LYS F 14 -22.51 -10.54 28.60
C LYS F 14 -21.80 -10.65 29.93
N LYS F 15 -21.41 -9.53 30.56
CA LYS F 15 -20.62 -9.56 31.79
C LYS F 15 -19.36 -10.41 31.59
N GLU F 16 -18.64 -10.08 30.51
CA GLU F 16 -17.43 -10.82 30.14
C GLU F 16 -16.34 -9.83 29.75
N THR F 17 -15.12 -10.15 30.15
CA THR F 17 -13.96 -9.30 29.85
C THR F 17 -12.82 -10.16 29.32
N ARG F 18 -12.39 -9.87 28.11
CA ARG F 18 -11.23 -10.50 27.50
C ARG F 18 -10.13 -9.47 27.40
N CYS F 19 -8.88 -9.88 27.65
CA CYS F 19 -7.77 -8.97 27.46
C CYS F 19 -6.38 -9.59 27.52
N GLY F 20 -5.41 -8.71 27.29
CA GLY F 20 -4.03 -9.09 27.06
C GLY F 20 -3.23 -7.85 26.73
N THR F 21 -2.32 -8.01 25.77
CA THR F 21 -1.46 -6.92 25.33
C THR F 21 -1.51 -6.80 23.80
N GLY F 22 -1.26 -5.61 23.29
CA GLY F 22 -1.40 -5.39 21.86
C GLY F 22 -1.28 -3.93 21.49
N VAL F 23 -1.96 -3.56 20.41
CA VAL F 23 -1.97 -2.20 19.87
C VAL F 23 -3.41 -1.72 19.80
N PHE F 24 -3.69 -0.60 20.46
CA PHE F 24 -5.06 -0.11 20.63
C PHE F 24 -5.21 1.24 19.95
N VAL F 25 -6.26 1.37 19.13
CA VAL F 25 -6.55 2.58 18.37
C VAL F 25 -7.89 3.12 18.82
N TYR F 26 -7.93 4.37 19.24
CA TYR F 26 -9.06 4.95 19.93
C TYR F 26 -9.75 6.00 19.06
N ASN F 27 -11.07 6.10 19.23
CA ASN F 27 -11.87 7.12 18.56
C ASN F 27 -11.80 8.40 19.39
N ASP F 28 -11.06 9.39 18.88
CA ASP F 28 -10.89 10.67 19.55
C ASP F 28 -11.62 11.80 18.83
N VAL F 29 -12.52 11.46 17.92
CA VAL F 29 -13.21 12.43 17.09
C VAL F 29 -14.62 12.71 17.60
N GLU F 30 -15.31 11.67 18.09
CA GLU F 30 -16.66 11.82 18.62
C GLU F 30 -16.74 12.63 19.91
N ALA F 31 -15.59 12.90 20.54
CA ALA F 31 -15.56 13.68 21.78
C ALA F 31 -14.16 14.22 21.95
N TRP F 32 -14.00 15.54 21.93
CA TRP F 32 -12.69 16.17 21.91
C TRP F 32 -12.79 17.48 22.68
N ARG F 33 -11.83 18.38 22.46
CA ARG F 33 -11.77 19.69 23.10
C ARG F 33 -11.52 19.58 24.60
N ASP F 34 -10.69 18.64 25.00
CA ASP F 34 -10.33 18.50 26.40
C ASP F 34 -9.40 19.63 26.81
N ARG F 35 -8.90 19.56 28.04
CA ARG F 35 -7.94 20.52 28.55
C ARG F 35 -6.55 19.92 28.38
N TYR F 36 -5.78 20.48 27.44
CA TYR F 36 -4.37 20.16 27.28
C TYR F 36 -3.56 21.43 27.48
N LYS F 37 -2.42 21.30 28.15
CA LYS F 37 -1.50 22.42 28.36
C LYS F 37 -0.40 22.31 27.30
N TYR F 38 -0.52 23.09 26.24
CA TYR F 38 0.38 22.99 25.10
C TYR F 38 1.74 23.58 25.41
N HIS F 39 2.76 23.04 24.76
CA HIS F 39 4.14 23.45 24.98
C HIS F 39 4.86 23.61 23.65
N PRO F 40 4.53 24.65 22.89
CA PRO F 40 5.42 25.05 21.79
C PRO F 40 6.80 25.32 22.36
N ASP F 41 7.83 25.01 21.55
CA ASP F 41 9.16 24.68 22.06
C ASP F 41 9.58 25.46 23.31
N SER F 42 9.57 26.80 23.24
CA SER F 42 9.94 27.59 24.40
C SER F 42 9.37 28.99 24.25
N PRO F 43 8.99 29.64 25.35
CA PRO F 43 8.45 31.01 25.23
C PRO F 43 9.43 32.00 24.62
N ARG F 44 10.71 31.91 24.95
CA ARG F 44 11.69 32.81 24.36
C ARG F 44 12.21 32.28 23.03
N ARG F 45 11.81 31.07 22.64
CA ARG F 45 12.21 30.55 21.35
C ARG F 45 11.11 30.72 20.32
N LEU F 46 9.85 30.62 20.75
CA LEU F 46 8.74 30.95 19.85
C LEU F 46 8.66 32.44 19.59
N ALA F 47 9.07 33.26 20.57
CA ALA F 47 9.12 34.70 20.35
C ALA F 47 10.16 35.07 19.30
N ALA F 48 11.33 34.44 19.34
CA ALA F 48 12.36 34.70 18.35
C ALA F 48 11.92 34.25 16.96
N ALA F 49 11.27 33.08 16.88
CA ALA F 49 10.85 32.56 15.59
C ALA F 49 9.76 33.43 14.96
N VAL F 50 8.79 33.87 15.77
CA VAL F 50 7.73 34.74 15.27
C VAL F 50 8.31 36.09 14.87
N LYS F 51 9.25 36.61 15.67
CA LYS F 51 9.85 37.90 15.35
C LYS F 51 10.63 37.84 14.04
N GLN F 52 11.44 36.80 13.87
CA GLN F 52 12.27 36.68 12.67
C GLN F 52 11.41 36.49 11.43
N ALA F 53 10.31 35.75 11.54
CA ALA F 53 9.43 35.56 10.40
C ALA F 53 8.78 36.86 9.97
N TRP F 54 8.56 37.78 10.91
CA TRP F 54 7.98 39.07 10.56
C TRP F 54 8.96 39.92 9.76
N GLU F 55 10.25 39.82 10.07
CA GLU F 55 11.28 40.53 9.32
C GLU F 55 11.58 39.90 7.97
N ASP F 56 11.27 38.61 7.78
CA ASP F 56 11.49 37.93 6.52
C ASP F 56 10.29 38.04 5.58
N GLY F 57 9.25 38.75 5.98
CA GLY F 57 8.12 39.03 5.14
C GLY F 57 6.90 38.16 5.39
N ILE F 58 6.95 37.26 6.37
CA ILE F 58 5.79 36.42 6.66
C ILE F 58 4.82 37.19 7.55
N CYS F 59 3.57 37.28 7.10
CA CYS F 59 2.58 38.11 7.77
C CYS F 59 1.89 37.37 8.90
N GLY F 60 1.45 36.15 8.63
CA GLY F 60 0.67 35.42 9.61
C GLY F 60 0.66 33.93 9.40
N ILE F 61 -0.31 33.26 10.01
CA ILE F 61 -0.36 31.81 10.06
C ILE F 61 -1.68 31.34 9.46
N SER F 62 -1.58 30.33 8.60
N SER F 62 -1.58 30.33 8.60
CA SER F 62 -2.74 29.57 8.14
CA SER F 62 -2.74 29.57 8.14
C SER F 62 -2.76 28.25 8.87
C SER F 62 -2.76 28.25 8.87
N SER F 63 -3.79 28.02 9.68
CA SER F 63 -3.80 26.85 10.56
C SER F 63 -4.02 25.56 9.78
N VAL F 64 -3.33 24.51 10.24
N VAL F 64 -3.33 24.51 10.24
CA VAL F 64 -3.44 23.20 9.61
CA VAL F 64 -3.44 23.20 9.61
C VAL F 64 -4.63 22.40 10.11
C VAL F 64 -4.63 22.40 10.11
N SER F 65 -4.96 22.50 11.39
CA SER F 65 -6.06 21.74 11.96
C SER F 65 -6.67 22.56 13.08
N ARG F 66 -7.69 21.99 13.73
CA ARG F 66 -8.28 22.64 14.89
C ARG F 66 -7.37 22.58 16.10
N MET F 67 -6.49 21.57 16.17
CA MET F 67 -5.54 21.47 17.28
C MET F 67 -4.58 22.64 17.30
N GLU F 68 -4.10 23.06 16.13
CA GLU F 68 -3.12 24.15 16.09
C GLU F 68 -3.78 25.50 16.39
N ASN F 69 -5.02 25.69 15.96
CA ASN F 69 -5.73 26.92 16.29
C ASN F 69 -5.93 27.06 17.79
N ILE F 70 -6.33 25.98 18.45
CA ILE F 70 -6.52 25.99 19.90
C ILE F 70 -5.20 26.27 20.61
N MET F 71 -4.12 25.66 20.13
N MET F 71 -4.12 25.66 20.13
CA MET F 71 -2.81 25.90 20.73
CA MET F 71 -2.81 25.90 20.73
C MET F 71 -2.38 27.35 20.61
C MET F 71 -2.38 27.35 20.61
N TRP F 72 -2.67 27.99 19.48
CA TRP F 72 -2.30 29.38 19.31
C TRP F 72 -3.12 30.30 20.22
N ARG F 73 -4.35 29.92 20.53
CA ARG F 73 -5.19 30.74 21.40
C ARG F 73 -4.76 30.67 22.86
N SER F 74 -4.23 29.52 23.29
CA SER F 74 -3.75 29.40 24.66
C SER F 74 -2.47 30.19 24.87
N VAL F 75 -1.60 30.20 23.86
CA VAL F 75 -0.27 30.79 23.98
C VAL F 75 -0.27 32.28 23.71
N GLU F 76 -1.30 32.81 23.05
CA GLU F 76 -1.29 34.18 22.56
C GLU F 76 -1.02 35.20 23.66
N GLY F 77 -1.72 35.09 24.79
CA GLY F 77 -1.58 36.10 25.82
C GLY F 77 -0.18 36.12 26.42
N GLU F 78 0.39 34.96 26.68
CA GLU F 78 1.73 34.87 27.23
C GLU F 78 2.78 35.22 26.19
N LEU F 79 2.47 35.04 24.91
CA LEU F 79 3.41 35.37 23.84
C LEU F 79 3.60 36.86 23.68
N ASN F 80 2.57 37.66 23.98
CA ASN F 80 2.71 39.11 23.92
C ASN F 80 3.31 39.69 25.19
N ALA F 81 3.23 38.97 26.31
CA ALA F 81 3.97 39.33 27.51
C ALA F 81 5.46 39.29 27.19
N ILE F 82 5.93 38.19 26.64
CA ILE F 82 7.36 38.06 26.39
C ILE F 82 7.95 38.98 25.36
N LEU F 83 7.16 39.59 24.50
CA LEU F 83 7.70 40.41 23.42
C LEU F 83 7.76 41.86 23.80
N GLU F 84 6.80 42.34 24.57
CA GLU F 84 6.86 43.70 25.09
C GLU F 84 7.75 43.72 26.26
N GLU F 85 8.86 43.02 26.20
CA GLU F 85 9.76 42.91 27.32
C GLU F 85 11.12 42.81 26.75
N ASN F 86 11.20 42.62 25.45
CA ASN F 86 12.46 42.53 24.79
C ASN F 86 12.42 43.73 23.86
N GLY F 87 11.31 44.44 23.85
CA GLY F 87 11.17 45.69 23.14
C GLY F 87 10.65 45.58 21.73
N VAL F 88 10.11 44.43 21.35
CA VAL F 88 9.61 44.23 19.99
C VAL F 88 8.20 44.79 19.90
N GLN F 89 7.91 45.46 18.79
CA GLN F 89 6.58 45.96 18.50
C GLN F 89 5.91 44.97 17.57
N LEU F 90 5.11 44.07 18.15
CA LEU F 90 4.43 43.03 17.41
C LEU F 90 3.35 42.44 18.29
N THR F 91 2.18 42.20 17.72
CA THR F 91 1.04 41.64 18.43
C THR F 91 0.51 40.44 17.65
N VAL F 92 0.20 39.36 18.34
CA VAL F 92 -0.39 38.18 17.74
C VAL F 92 -1.90 38.24 17.92
N VAL F 93 -2.65 38.02 16.84
CA VAL F 93 -4.10 38.10 16.85
C VAL F 93 -4.65 36.79 16.29
N VAL F 94 -5.37 36.05 17.13
CA VAL F 94 -5.91 34.74 16.76
C VAL F 94 -7.40 34.87 16.50
N GLY F 95 -7.85 34.29 15.38
CA GLY F 95 -9.25 34.30 15.02
C GLY F 95 -9.77 32.88 14.78
N SER F 96 -10.98 32.76 14.28
CA SER F 96 -11.61 31.47 14.06
C SER F 96 -11.13 30.86 12.74
N VAL F 97 -11.43 29.59 12.54
CA VAL F 97 -11.04 28.87 11.34
C VAL F 97 -12.25 28.68 10.44
N LYS F 98 -12.00 28.50 9.15
CA LYS F 98 -13.04 28.28 8.16
C LYS F 98 -12.64 27.09 7.30
N ASN F 99 -13.62 26.29 6.90
CA ASN F 99 -13.29 25.11 6.11
C ASN F 99 -13.45 25.40 4.62
N PRO F 100 -12.59 24.86 3.76
CA PRO F 100 -11.40 24.06 4.05
C PRO F 100 -10.23 24.89 4.57
N MET F 101 -9.22 24.26 5.16
CA MET F 101 -8.03 24.95 5.65
C MET F 101 -6.97 24.90 4.56
N TRP F 102 -6.90 25.96 3.76
CA TRP F 102 -6.02 25.99 2.60
C TRP F 102 -4.56 26.09 3.03
N ARG F 103 -3.68 25.65 2.13
CA ARG F 103 -2.24 25.67 2.36
C ARG F 103 -1.68 27.08 2.24
N GLY F 104 -0.53 27.28 2.88
CA GLY F 104 0.28 28.45 2.68
C GLY F 104 1.62 28.04 2.11
N PRO F 105 2.32 28.96 1.45
CA PRO F 105 3.60 28.59 0.82
C PRO F 105 4.79 28.66 1.75
N GLN F 106 4.72 29.40 2.84
CA GLN F 106 5.88 29.62 3.70
C GLN F 106 5.90 28.64 4.86
N ARG F 107 6.97 28.71 5.65
CA ARG F 107 7.10 27.97 6.89
C ARG F 107 7.83 28.83 7.90
N LEU F 108 7.55 28.61 9.18
CA LEU F 108 8.21 29.36 10.23
C LEU F 108 9.69 28.98 10.32
N PRO F 109 10.57 29.95 10.50
CA PRO F 109 12.00 29.67 10.57
C PRO F 109 12.43 29.19 11.95
N VAL F 110 13.44 28.32 11.96
CA VAL F 110 14.09 27.93 13.20
C VAL F 110 15.01 29.08 13.61
N PRO F 111 14.82 29.66 14.79
CA PRO F 111 15.62 30.83 15.18
C PRO F 111 17.08 30.49 15.42
N VAL F 112 17.85 31.48 15.84
CA VAL F 112 19.28 31.31 16.06
C VAL F 112 19.66 31.56 17.53
N ASN F 113 19.10 32.59 18.15
CA ASN F 113 19.63 33.09 19.42
C ASN F 113 18.71 32.96 20.62
N GLU F 114 17.39 32.76 20.44
CA GLU F 114 16.52 32.57 21.59
C GLU F 114 16.51 33.78 22.52
N LEU F 115 15.78 34.85 22.14
CA LEU F 115 15.81 36.20 22.71
C LEU F 115 16.12 36.23 24.20
N PRO F 116 17.00 37.15 24.64
CA PRO F 116 17.52 37.10 26.01
C PRO F 116 16.48 37.27 27.11
N HIS F 117 15.73 38.37 27.11
CA HIS F 117 14.81 38.61 28.20
C HIS F 117 13.64 37.64 28.15
N GLY F 118 13.03 37.42 29.30
CA GLY F 118 11.85 36.58 29.40
C GLY F 118 12.02 35.45 30.40
N TRP F 119 11.08 34.53 30.36
CA TRP F 119 11.03 33.39 31.26
C TRP F 119 10.81 32.11 30.47
N LYS F 120 11.35 31.00 30.99
CA LYS F 120 11.08 29.69 30.42
C LYS F 120 9.77 29.15 30.99
N ALA F 121 9.52 27.86 30.76
CA ALA F 121 8.40 27.18 31.42
C ALA F 121 7.05 27.77 31.08
N TRP F 122 6.54 27.50 29.88
CA TRP F 122 5.18 27.89 29.48
C TRP F 122 4.20 27.77 30.63
N GLY F 123 3.37 28.80 30.79
CA GLY F 123 2.31 28.75 31.77
C GLY F 123 2.65 29.39 33.11
N LYS F 124 3.21 30.60 33.07
CA LYS F 124 3.44 31.33 34.30
C LYS F 124 2.11 31.74 34.94
N SER F 125 2.13 31.89 36.27
CA SER F 125 0.89 32.13 37.01
C SER F 125 0.29 33.49 36.66
N TYR F 126 1.02 34.56 36.94
CA TYR F 126 0.49 35.92 36.79
C TYR F 126 1.52 36.81 36.12
N PHE F 127 1.22 37.26 34.90
CA PHE F 127 1.97 38.30 34.21
C PHE F 127 1.00 39.44 33.88
N VAL F 128 1.55 40.50 33.29
CA VAL F 128 0.79 41.70 32.99
C VAL F 128 0.41 41.68 31.52
N ARG F 129 -0.87 41.96 31.23
CA ARG F 129 -1.32 42.07 29.86
C ARG F 129 -0.49 43.10 29.10
N ALA F 130 -0.11 42.75 27.88
CA ALA F 130 0.72 43.61 27.05
C ALA F 130 -0.14 44.55 26.23
N ALA F 131 0.36 45.76 26.01
CA ALA F 131 -0.36 46.77 25.25
C ALA F 131 -0.44 46.40 23.78
N LYS F 132 -1.49 46.89 23.12
CA LYS F 132 -1.64 46.67 21.69
C LYS F 132 -0.58 47.44 20.92
N THR F 133 -0.45 47.09 19.64
CA THR F 133 0.63 47.62 18.81
C THR F 133 0.09 47.84 17.41
N ASN F 134 0.79 48.67 16.64
CA ASN F 134 0.43 48.89 15.24
C ASN F 134 0.54 47.59 14.44
N ASN F 135 1.67 46.91 14.55
CA ASN F 135 1.90 45.68 13.80
C ASN F 135 1.12 44.52 14.42
N SER F 136 0.77 43.56 13.58
CA SER F 136 -0.19 42.53 14.01
C SER F 136 0.11 41.24 13.26
N PHE F 137 0.65 40.25 13.97
CA PHE F 137 0.85 38.91 13.42
C PHE F 137 -0.47 38.15 13.54
N VAL F 138 -0.99 37.69 12.42
CA VAL F 138 -2.36 37.21 12.33
C VAL F 138 -2.36 35.69 12.22
N VAL F 139 -2.99 35.03 13.17
CA VAL F 139 -3.23 33.60 13.10
C VAL F 139 -4.65 33.38 12.59
N ASP F 140 -4.86 32.29 11.88
CA ASP F 140 -5.96 32.12 10.93
C ASP F 140 -7.26 32.74 11.43
N GLY F 141 -7.76 33.69 10.66
CA GLY F 141 -9.04 34.31 10.94
C GLY F 141 -9.67 34.81 9.66
N ASP F 142 -10.63 35.73 9.74
CA ASP F 142 -11.18 36.36 8.54
C ASP F 142 -10.40 37.66 8.32
N THR F 143 -9.21 37.51 7.76
CA THR F 143 -8.23 38.59 7.67
C THR F 143 -7.47 38.54 6.35
N LEU F 144 -8.11 38.01 5.31
CA LEU F 144 -7.41 37.81 4.03
C LEU F 144 -7.06 39.10 3.33
N LYS F 145 -7.53 40.24 3.83
CA LYS F 145 -7.10 41.54 3.32
C LYS F 145 -5.90 42.10 4.06
N GLU F 146 -5.75 41.80 5.35
CA GLU F 146 -4.60 42.26 6.10
C GLU F 146 -3.30 41.75 5.50
N CYS F 147 -3.26 40.47 5.16
CA CYS F 147 -2.19 39.93 4.33
C CYS F 147 -2.66 38.62 3.75
N PRO F 148 -2.39 38.37 2.47
CA PRO F 148 -3.05 37.25 1.77
C PRO F 148 -2.46 35.89 2.05
N LEU F 149 -3.09 34.85 1.49
CA LEU F 149 -2.65 33.47 1.72
C LEU F 149 -1.24 33.22 1.19
N LYS F 150 -0.77 33.99 0.21
CA LYS F 150 0.55 33.76 -0.34
C LYS F 150 1.66 34.20 0.60
N HIS F 151 1.34 34.87 1.71
CA HIS F 151 2.34 35.33 2.68
C HIS F 151 2.17 34.67 4.03
N ARG F 152 1.64 33.45 4.07
CA ARG F 152 1.25 32.80 5.32
C ARG F 152 2.03 31.52 5.52
N ALA F 153 2.55 31.33 6.72
CA ALA F 153 3.17 30.07 7.10
C ALA F 153 2.12 28.99 7.31
N TRP F 154 2.53 27.74 7.09
CA TRP F 154 1.61 26.62 7.13
C TRP F 154 2.39 25.34 7.41
N ASN F 155 1.92 24.56 8.38
CA ASN F 155 2.51 23.26 8.70
C ASN F 155 3.96 23.40 9.20
N SER F 156 4.10 24.16 10.28
CA SER F 156 5.41 24.48 10.81
C SER F 156 5.77 23.70 12.07
N PHE F 157 4.85 22.89 12.59
CA PHE F 157 5.02 22.29 13.91
C PHE F 157 4.96 20.78 13.79
N LEU F 158 5.79 20.11 14.61
CA LEU F 158 5.77 18.67 14.76
C LEU F 158 5.49 18.31 16.21
N VAL F 159 4.57 17.37 16.42
CA VAL F 159 4.25 16.89 17.76
C VAL F 159 5.38 15.97 18.21
N GLU F 160 5.92 16.24 19.40
CA GLU F 160 7.07 15.51 19.91
C GLU F 160 6.69 14.44 20.94
N ASP F 161 5.77 14.76 21.84
CA ASP F 161 5.33 13.81 22.85
C ASP F 161 4.00 14.30 23.40
N HIS F 162 2.98 13.46 23.32
CA HIS F 162 1.63 13.85 23.70
C HIS F 162 1.04 12.86 24.68
N GLY F 163 0.15 13.38 25.52
CA GLY F 163 -0.63 12.55 26.44
C GLY F 163 -2.09 12.59 26.08
N PHE F 164 -2.39 12.53 24.78
CA PHE F 164 -3.76 12.61 24.30
C PHE F 164 -4.59 11.46 24.85
N GLY F 165 -5.91 11.63 24.76
CA GLY F 165 -6.83 10.68 25.34
C GLY F 165 -7.32 11.08 26.72
N VAL F 166 -6.39 11.44 27.59
CA VAL F 166 -6.74 11.92 28.93
C VAL F 166 -6.47 13.41 29.02
N PHE F 167 -7.35 14.12 29.72
CA PHE F 167 -7.22 15.56 29.89
C PHE F 167 -6.06 15.88 30.83
N HIS F 168 -5.69 17.17 30.83
CA HIS F 168 -4.62 17.67 31.70
C HIS F 168 -3.30 16.94 31.45
N THR F 169 -3.01 16.67 30.19
CA THR F 169 -1.74 16.10 29.77
C THR F 169 -1.05 17.04 28.79
N SER F 170 0.24 17.26 29.01
CA SER F 170 0.99 18.20 28.19
C SER F 170 1.45 17.55 26.90
N VAL F 171 1.26 18.26 25.79
CA VAL F 171 1.73 17.85 24.48
C VAL F 171 2.73 18.88 23.98
N TRP F 172 3.93 18.41 23.64
CA TRP F 172 5.04 19.27 23.28
C TRP F 172 5.15 19.41 21.77
N LEU F 173 5.22 20.65 21.31
CA LEU F 173 5.35 20.98 19.90
C LEU F 173 6.77 21.50 19.63
N LYS F 174 7.11 21.56 18.35
CA LYS F 174 8.45 22.00 17.97
C LYS F 174 8.41 22.49 16.53
N VAL F 175 9.16 23.54 16.25
CA VAL F 175 9.23 24.10 14.90
C VAL F 175 10.17 23.24 14.07
N ARG F 176 9.68 22.74 12.94
CA ARG F 176 10.45 21.83 12.11
C ARG F 176 11.50 22.58 11.29
N GLU F 177 12.56 21.87 10.92
CA GLU F 177 13.65 22.46 10.16
C GLU F 177 13.46 22.31 8.65
N ASP F 178 12.68 21.34 8.20
CA ASP F 178 12.51 21.05 6.79
C ASP F 178 11.20 21.65 6.28
N TYR F 179 10.84 21.28 5.06
CA TYR F 179 9.60 21.69 4.43
C TYR F 179 8.84 20.43 4.03
N SER F 180 7.52 20.41 4.27
CA SER F 180 6.77 19.20 4.06
C SER F 180 5.32 19.51 3.70
N LEU F 181 4.67 18.53 3.08
CA LEU F 181 3.27 18.62 2.72
C LEU F 181 2.41 17.56 3.37
N GLU F 182 2.97 16.71 4.23
CA GLU F 182 2.21 15.60 4.77
C GLU F 182 1.71 15.93 6.18
N CYS F 183 0.64 15.24 6.56
CA CYS F 183 0.09 15.39 7.90
C CYS F 183 0.99 14.70 8.92
N ASP F 184 1.06 15.27 10.11
CA ASP F 184 1.94 14.78 11.17
C ASP F 184 1.58 13.36 11.57
N PRO F 185 2.51 12.42 11.49
CA PRO F 185 2.18 11.01 11.76
C PRO F 185 2.17 10.62 13.22
N ALA F 186 2.39 11.56 14.14
CA ALA F 186 2.38 11.25 15.56
C ALA F 186 0.99 10.99 16.10
N VAL F 187 -0.06 11.40 15.40
CA VAL F 187 -1.42 11.32 15.91
C VAL F 187 -2.33 10.55 14.96
N ILE F 188 -1.76 9.64 14.19
CA ILE F 188 -2.52 8.84 13.23
C ILE F 188 -2.59 7.40 13.72
N GLY F 189 -3.78 6.82 13.69
CA GLY F 189 -3.95 5.42 13.98
C GLY F 189 -4.76 4.70 12.93
N THR F 190 -4.21 3.64 12.36
CA THR F 190 -4.89 2.81 11.36
C THR F 190 -4.93 1.38 11.87
N ALA F 191 -6.03 0.68 11.64
CA ALA F 191 -6.13 -0.70 12.08
C ALA F 191 -7.18 -1.43 11.27
N VAL F 192 -6.85 -2.64 10.83
CA VAL F 192 -7.81 -3.56 10.24
C VAL F 192 -7.84 -4.82 11.09
N LYS F 193 -9.00 -5.45 11.18
CA LYS F 193 -9.13 -6.68 11.97
C LYS F 193 -10.30 -7.47 11.41
N GLY F 194 -10.01 -8.48 10.61
CA GLY F 194 -11.06 -9.30 10.00
C GLY F 194 -11.66 -8.62 8.77
N LYS F 195 -12.91 -8.16 8.90
CA LYS F 195 -13.63 -7.52 7.81
C LYS F 195 -13.95 -6.05 8.06
N GLU F 196 -13.25 -5.41 8.99
CA GLU F 196 -13.50 -4.00 9.29
C GLU F 196 -12.18 -3.28 9.47
N ALA F 197 -12.08 -2.08 8.87
CA ALA F 197 -10.88 -1.27 9.00
C ALA F 197 -11.24 0.14 9.41
N VAL F 198 -10.24 0.89 9.88
CA VAL F 198 -10.38 2.31 10.20
C VAL F 198 -9.09 3.03 9.82
N HIS F 199 -9.23 4.21 9.23
CA HIS F 199 -8.17 5.20 9.12
C HIS F 199 -8.58 6.41 9.94
N SER F 200 -7.73 6.84 10.86
CA SER F 200 -8.16 7.91 11.76
C SER F 200 -6.99 8.77 12.21
N ASP F 201 -7.32 9.97 12.65
CA ASP F 201 -6.42 10.85 13.37
C ASP F 201 -7.28 11.72 14.29
N LEU F 202 -6.74 12.85 14.73
CA LEU F 202 -7.45 13.68 15.69
C LEU F 202 -8.72 14.33 15.13
N GLY F 203 -8.94 14.31 13.83
CA GLY F 203 -10.11 14.96 13.27
C GLY F 203 -10.90 14.14 12.28
N TYR F 204 -10.37 12.99 11.87
CA TYR F 204 -10.98 12.11 10.89
C TYR F 204 -11.28 10.76 11.53
N TRP F 205 -12.31 10.08 11.02
CA TRP F 205 -12.61 8.71 11.42
C TRP F 205 -13.30 8.05 10.24
N ILE F 206 -12.56 7.25 9.49
CA ILE F 206 -13.00 6.72 8.21
C ILE F 206 -13.06 5.21 8.29
N GLU F 207 -14.24 4.65 8.07
CA GLU F 207 -14.47 3.22 8.25
C GLU F 207 -14.62 2.50 6.91
N SER F 208 -14.23 1.22 6.91
CA SER F 208 -14.34 0.39 5.72
C SER F 208 -14.88 -0.98 6.12
N GLU F 209 -15.53 -1.64 5.17
CA GLU F 209 -16.04 -2.99 5.37
C GLU F 209 -15.77 -3.81 4.13
N LYS F 210 -15.96 -5.11 4.23
CA LYS F 210 -15.81 -6.02 3.10
C LYS F 210 -17.14 -6.70 2.82
N ASN F 211 -17.79 -6.33 1.71
CA ASN F 211 -19.00 -6.99 1.26
C ASN F 211 -18.71 -8.04 0.19
N ASP F 212 -18.19 -7.60 -0.95
CA ASP F 212 -17.67 -8.50 -1.98
C ASP F 212 -16.30 -7.97 -2.38
N THR F 213 -16.14 -6.67 -2.22
CA THR F 213 -14.86 -5.99 -2.25
C THR F 213 -14.81 -5.05 -1.06
N TRP F 214 -13.62 -4.58 -0.72
CA TRP F 214 -13.50 -3.56 0.30
C TRP F 214 -14.04 -2.25 -0.24
N ARG F 215 -14.84 -1.56 0.58
CA ARG F 215 -15.44 -0.29 0.19
C ARG F 215 -15.52 0.62 1.40
N LEU F 216 -15.84 1.88 1.14
CA LEU F 216 -16.12 2.80 2.23
C LEU F 216 -17.43 2.43 2.90
N LYS F 217 -17.52 2.68 4.21
CA LYS F 217 -18.73 2.41 4.98
C LYS F 217 -19.36 3.68 5.52
N ARG F 218 -18.60 4.46 6.26
CA ARG F 218 -19.02 5.77 6.73
C ARG F 218 -17.78 6.53 7.15
N ALA F 219 -17.92 7.85 7.23
CA ALA F 219 -16.82 8.69 7.65
C ALA F 219 -17.37 9.86 8.45
N HIS F 220 -16.64 10.25 9.48
CA HIS F 220 -17.00 11.39 10.30
C HIS F 220 -15.84 12.35 10.34
N LEU F 221 -16.05 13.59 9.89
CA LEU F 221 -14.99 14.57 9.74
C LEU F 221 -15.39 15.81 10.53
N ILE F 222 -14.56 16.22 11.48
CA ILE F 222 -14.84 17.42 12.26
C ILE F 222 -13.90 18.53 11.83
N GLU F 223 -13.30 18.36 10.65
CA GLU F 223 -12.47 19.38 10.03
C GLU F 223 -12.23 18.96 8.59
N MET F 224 -11.75 19.91 7.79
CA MET F 224 -11.34 19.65 6.42
C MET F 224 -9.90 20.09 6.26
N LYS F 225 -8.97 19.16 6.42
CA LYS F 225 -7.55 19.42 6.28
C LYS F 225 -7.17 19.45 4.81
N THR F 226 -5.97 19.95 4.52
CA THR F 226 -5.47 19.94 3.16
C THR F 226 -4.03 19.44 3.08
N CYS F 227 -3.54 18.76 4.10
CA CYS F 227 -2.23 18.11 4.01
C CYS F 227 -2.39 16.78 3.30
N GLU F 228 -1.32 15.99 3.27
CA GLU F 228 -1.32 14.71 2.58
C GLU F 228 -1.18 13.58 3.58
N TRP F 229 -2.10 12.61 3.51
CA TRP F 229 -2.06 11.47 4.40
C TRP F 229 -0.86 10.59 4.06
N PRO F 230 0.03 10.31 5.01
CA PRO F 230 1.25 9.54 4.68
C PRO F 230 0.97 8.09 4.33
N LYS F 231 1.77 7.57 3.40
CA LYS F 231 1.57 6.21 2.91
C LYS F 231 2.06 5.15 3.88
N SER F 232 2.93 5.51 4.82
CA SER F 232 3.35 4.56 5.83
C SER F 232 2.19 4.16 6.74
N HIS F 233 1.19 5.02 6.87
CA HIS F 233 0.04 4.84 7.72
C HIS F 233 -1.21 4.48 6.92
N THR F 234 -1.03 3.83 5.77
CA THR F 234 -2.14 3.57 4.86
C THR F 234 -2.13 2.10 4.45
N LEU F 235 -3.31 1.50 4.34
CA LEU F 235 -3.46 0.13 3.90
C LEU F 235 -3.76 0.07 2.42
N TRP F 236 -3.12 -0.87 1.71
CA TRP F 236 -3.42 -1.19 0.31
C TRP F 236 -3.23 0.03 -0.60
N THR F 237 -1.98 0.45 -0.73
CA THR F 237 -1.64 1.68 -1.43
C THR F 237 -1.27 1.50 -2.90
N ASP F 238 -1.29 0.29 -3.44
CA ASP F 238 -0.83 0.07 -4.81
C ASP F 238 -1.97 -0.24 -5.76
N GLY F 239 -1.77 0.09 -7.02
CA GLY F 239 -2.79 -0.09 -8.05
C GLY F 239 -3.99 0.81 -7.88
N ILE F 240 -3.78 2.05 -7.47
CA ILE F 240 -4.85 2.96 -7.07
C ILE F 240 -4.90 4.13 -8.04
N GLU F 241 -6.09 4.38 -8.60
CA GLU F 241 -6.34 5.55 -9.42
C GLU F 241 -6.84 6.67 -8.52
N GLU F 242 -6.24 7.86 -8.66
CA GLU F 242 -6.60 8.95 -7.78
C GLU F 242 -7.98 9.51 -8.06
N SER F 243 -8.62 9.11 -9.15
CA SER F 243 -9.94 9.60 -9.51
C SER F 243 -11.04 8.68 -9.05
N ASP F 244 -10.72 7.66 -8.24
CA ASP F 244 -11.71 6.77 -7.66
C ASP F 244 -11.86 6.95 -6.15
N LEU F 245 -11.04 7.81 -5.54
CA LEU F 245 -11.08 8.03 -4.11
C LEU F 245 -12.23 8.94 -3.75
N ILE F 246 -13.09 8.48 -2.85
CA ILE F 246 -14.28 9.25 -2.48
C ILE F 246 -13.88 10.57 -1.83
N ILE F 247 -12.98 10.53 -0.86
CA ILE F 247 -12.47 11.73 -0.22
C ILE F 247 -11.22 12.17 -0.99
N PRO F 248 -11.19 13.37 -1.55
CA PRO F 248 -10.08 13.75 -2.43
C PRO F 248 -8.73 13.72 -1.71
N LYS F 249 -7.69 13.38 -2.47
CA LYS F 249 -6.33 13.36 -1.92
C LYS F 249 -5.90 14.73 -1.44
N SER F 250 -6.45 15.78 -2.01
CA SER F 250 -6.12 17.14 -1.61
C SER F 250 -6.84 17.57 -0.34
N LEU F 251 -7.68 16.71 0.24
CA LEU F 251 -8.35 16.96 1.50
C LEU F 251 -7.88 15.99 2.57
N ALA F 252 -6.64 15.51 2.41
CA ALA F 252 -6.01 14.55 3.33
C ALA F 252 -6.76 13.22 3.36
N GLY F 253 -7.24 12.79 2.22
CA GLY F 253 -7.84 11.48 2.09
C GLY F 253 -6.78 10.43 1.84
N PRO F 254 -6.90 9.27 2.47
CA PRO F 254 -5.90 8.22 2.27
C PRO F 254 -5.95 7.63 0.86
N LEU F 255 -4.78 7.32 0.34
CA LEU F 255 -4.64 6.75 -1.00
C LEU F 255 -4.75 5.23 -0.92
N SER F 256 -5.96 4.77 -0.70
CA SER F 256 -6.19 3.38 -0.35
C SER F 256 -7.38 2.82 -1.10
N HIS F 257 -7.36 1.51 -1.32
CA HIS F 257 -8.53 0.83 -1.87
C HIS F 257 -9.71 0.87 -0.90
N HIS F 258 -9.45 1.12 0.38
CA HIS F 258 -10.50 1.30 1.38
C HIS F 258 -11.25 2.62 1.21
N ASN F 259 -10.77 3.51 0.35
CA ASN F 259 -11.38 4.81 0.10
C ASN F 259 -12.19 4.81 -1.19
N THR F 260 -12.86 3.71 -1.50
CA THR F 260 -13.55 3.54 -2.77
C THR F 260 -14.96 3.00 -2.53
N ARG F 261 -15.88 3.39 -3.41
CA ARG F 261 -17.21 2.82 -3.48
C ARG F 261 -17.56 2.66 -4.95
N GLU F 262 -18.12 1.51 -5.30
CA GLU F 262 -18.28 1.15 -6.70
C GLU F 262 -19.42 1.96 -7.31
N GLY F 263 -19.16 2.59 -8.45
CA GLY F 263 -20.11 3.46 -9.09
C GLY F 263 -19.90 4.94 -8.82
N TYR F 264 -19.01 5.29 -7.91
CA TYR F 264 -18.78 6.68 -7.53
C TYR F 264 -17.33 7.04 -7.79
N ARG F 265 -17.08 8.31 -8.09
CA ARG F 265 -15.74 8.82 -8.30
C ARG F 265 -15.45 9.91 -7.27
N THR F 266 -14.32 10.58 -7.45
CA THR F 266 -13.87 11.54 -6.45
C THR F 266 -14.82 12.74 -6.38
N GLN F 267 -15.14 13.16 -5.15
CA GLN F 267 -16.10 14.24 -4.92
C GLN F 267 -15.33 15.52 -4.61
N MET F 268 -14.75 16.10 -5.66
CA MET F 268 -14.05 17.37 -5.48
C MET F 268 -15.00 18.53 -5.23
N LYS F 269 -16.28 18.38 -5.52
CA LYS F 269 -17.25 19.45 -5.37
C LYS F 269 -18.33 19.07 -4.39
N GLY F 270 -17.96 18.44 -3.28
CA GLY F 270 -18.86 18.21 -2.19
C GLY F 270 -18.97 19.44 -1.31
N PRO F 271 -19.80 19.37 -0.28
CA PRO F 271 -20.00 20.55 0.57
C PRO F 271 -18.90 20.71 1.62
N TRP F 272 -17.68 20.93 1.16
CA TRP F 272 -16.54 20.98 2.07
C TRP F 272 -16.43 22.30 2.81
N HIS F 273 -17.48 23.12 2.80
CA HIS F 273 -17.52 24.36 3.56
C HIS F 273 -18.14 24.20 4.94
N SER F 274 -18.73 23.04 5.22
CA SER F 274 -19.39 22.79 6.49
C SER F 274 -18.35 22.72 7.61
N GLU F 275 -18.80 22.95 8.84
CA GLU F 275 -17.94 22.83 10.00
C GLU F 275 -17.78 21.39 10.47
N GLU F 276 -18.62 20.48 10.01
CA GLU F 276 -18.63 19.09 10.46
C GLU F 276 -19.48 18.29 9.49
N LEU F 277 -18.98 17.13 9.07
CA LEU F 277 -19.63 16.33 8.06
C LEU F 277 -19.71 14.89 8.51
N GLU F 278 -20.65 14.16 7.92
CA GLU F 278 -20.74 12.72 8.07
C GLU F 278 -21.15 12.14 6.73
N ILE F 279 -20.45 11.13 6.27
CA ILE F 279 -20.65 10.58 4.94
C ILE F 279 -21.37 9.25 5.10
N ARG F 280 -22.67 9.24 4.82
CA ARG F 280 -23.46 8.03 4.88
C ARG F 280 -23.76 7.52 3.48
N PHE F 281 -24.14 6.25 3.40
CA PHE F 281 -24.69 5.66 2.18
C PHE F 281 -26.11 5.26 2.52
N GLU F 282 -27.03 6.18 2.26
CA GLU F 282 -28.41 6.04 2.69
C GLU F 282 -29.21 7.16 2.06
N GLU F 283 -30.48 6.86 1.75
CA GLU F 283 -31.35 7.88 1.20
C GLU F 283 -31.69 8.89 2.28
N CYS F 284 -31.99 10.08 1.84
CA CYS F 284 -32.25 11.12 2.79
C CYS F 284 -33.74 11.19 3.13
N PRO F 285 -34.10 11.72 4.30
CA PRO F 285 -35.49 11.62 4.76
C PRO F 285 -36.49 12.31 3.85
N GLY F 286 -37.34 11.50 3.20
CA GLY F 286 -38.38 11.99 2.34
C GLY F 286 -38.09 11.90 0.85
N THR F 287 -36.91 11.45 0.45
CA THR F 287 -36.52 11.43 -0.95
C THR F 287 -36.31 9.99 -1.42
N LYS F 288 -36.39 9.80 -2.74
CA LYS F 288 -36.14 8.52 -3.38
C LYS F 288 -35.19 8.72 -4.54
N VAL F 289 -34.42 7.69 -4.86
CA VAL F 289 -33.45 7.72 -5.95
C VAL F 289 -33.69 6.54 -6.87
N HIS F 290 -33.66 6.80 -8.18
CA HIS F 290 -33.83 5.78 -9.21
C HIS F 290 -32.65 5.82 -10.15
N VAL F 291 -32.22 4.65 -10.62
CA VAL F 291 -31.15 4.57 -11.62
C VAL F 291 -31.80 4.57 -13.00
N GLU F 292 -31.42 5.53 -13.83
CA GLU F 292 -31.99 5.69 -15.16
C GLU F 292 -30.88 6.04 -16.13
N GLU F 293 -31.25 6.49 -17.33
CA GLU F 293 -30.29 6.88 -18.35
C GLU F 293 -30.62 8.27 -18.87
N THR F 294 -31.80 8.77 -18.56
CA THR F 294 -32.21 10.11 -18.93
C THR F 294 -31.75 11.16 -17.95
N CYS F 295 -31.07 10.75 -16.87
CA CYS F 295 -30.59 11.68 -15.87
C CYS F 295 -29.43 12.49 -16.44
N GLY F 296 -29.04 13.54 -15.72
CA GLY F 296 -27.92 14.37 -16.11
C GLY F 296 -26.59 13.76 -15.72
N THR F 297 -25.54 14.56 -15.83
CA THR F 297 -24.21 14.13 -15.46
C THR F 297 -23.81 14.83 -14.18
N ARG F 298 -22.62 14.48 -13.69
CA ARG F 298 -22.10 15.02 -12.45
C ARG F 298 -22.04 16.55 -12.44
N GLY F 299 -22.20 17.13 -11.27
CA GLY F 299 -22.09 18.56 -11.10
C GLY F 299 -21.78 18.84 -9.65
N PRO F 300 -21.92 20.09 -9.22
CA PRO F 300 -21.76 20.38 -7.79
C PRO F 300 -22.85 19.69 -6.97
N SER F 301 -22.50 19.38 -5.72
CA SER F 301 -23.43 18.73 -4.80
C SER F 301 -24.61 19.65 -4.52
N LEU F 302 -25.78 19.04 -4.30
CA LEU F 302 -27.01 19.79 -4.09
C LEU F 302 -27.68 19.37 -2.79
N ARG F 303 -28.26 20.34 -2.11
CA ARG F 303 -29.03 20.09 -0.89
C ARG F 303 -30.42 19.56 -1.23
N SER F 304 -30.97 18.73 -0.35
CA SER F 304 -32.27 18.12 -0.58
C SER F 304 -33.43 19.06 -0.28
N THR F 305 -33.17 20.20 0.35
CA THR F 305 -34.20 21.18 0.68
C THR F 305 -33.84 22.49 0.01
N THR F 306 -34.82 23.17 -0.57
CA THR F 306 -34.56 24.45 -1.18
C THR F 306 -34.30 25.50 -0.10
N ALA F 307 -33.96 26.72 -0.52
CA ALA F 307 -33.65 27.78 0.43
C ALA F 307 -34.84 28.19 1.27
N SER F 308 -36.05 27.79 0.86
CA SER F 308 -37.25 28.03 1.67
C SER F 308 -37.38 26.94 2.73
N GLY F 309 -37.26 25.69 2.30
CA GLY F 309 -37.39 24.57 3.20
C GLY F 309 -38.14 23.43 2.56
N ARG F 310 -38.59 23.63 1.32
CA ARG F 310 -39.32 22.61 0.61
C ARG F 310 -38.41 21.45 0.24
N VAL F 311 -38.92 20.23 0.39
CA VAL F 311 -38.14 19.01 0.16
C VAL F 311 -38.37 18.56 -1.27
N ILE F 312 -37.28 18.35 -2.00
CA ILE F 312 -37.32 17.77 -3.33
C ILE F 312 -37.38 16.27 -3.18
N GLU F 313 -38.33 15.64 -3.86
CA GLU F 313 -38.75 14.29 -3.52
C GLU F 313 -38.29 13.21 -4.47
N GLU F 314 -37.93 13.54 -5.71
CA GLU F 314 -37.52 12.54 -6.68
C GLU F 314 -36.15 12.90 -7.23
N TRP F 315 -35.24 11.93 -7.24
CA TRP F 315 -33.88 12.13 -7.69
C TRP F 315 -33.51 10.96 -8.59
N CYS F 316 -32.50 11.16 -9.43
CA CYS F 316 -32.06 10.13 -10.36
C CYS F 316 -30.54 10.11 -10.41
N CYS F 317 -30.00 9.03 -10.95
CA CYS F 317 -28.61 9.01 -11.37
C CYS F 317 -28.42 7.93 -12.42
N ARG F 318 -27.27 8.01 -13.12
CA ARG F 318 -27.06 7.24 -14.33
C ARG F 318 -26.53 5.83 -14.07
N GLU F 319 -25.40 5.71 -13.36
CA GLU F 319 -24.78 4.39 -13.21
C GLU F 319 -24.32 4.15 -11.76
N CYS F 320 -25.12 4.54 -10.78
CA CYS F 320 -24.74 4.48 -9.39
C CYS F 320 -24.90 3.05 -8.90
N THR F 321 -24.72 2.89 -7.60
CA THR F 321 -25.19 1.72 -6.87
C THR F 321 -25.95 2.19 -5.64
N MET F 322 -27.00 1.46 -5.30
CA MET F 322 -27.76 1.88 -4.13
C MET F 322 -27.27 1.17 -2.88
N PRO F 323 -27.39 1.79 -1.69
CA PRO F 323 -27.95 3.12 -1.38
C PRO F 323 -27.06 4.29 -1.82
N PRO F 324 -27.63 5.47 -1.96
CA PRO F 324 -26.88 6.61 -2.48
C PRO F 324 -25.94 7.25 -1.47
N LEU F 325 -24.94 7.96 -1.99
CA LEU F 325 -24.01 8.73 -1.18
C LEU F 325 -24.71 9.98 -0.65
N SER F 326 -24.48 10.29 0.63
CA SER F 326 -25.09 11.47 1.24
C SER F 326 -24.10 12.13 2.20
N PHE F 327 -24.33 13.41 2.44
CA PHE F 327 -23.58 14.18 3.43
C PHE F 327 -24.57 14.77 4.42
N ARG F 328 -24.25 14.70 5.71
CA ARG F 328 -25.14 15.18 6.76
C ARG F 328 -24.41 16.23 7.58
N ALA F 329 -24.81 17.48 7.41
CA ALA F 329 -24.29 18.61 8.17
C ALA F 329 -25.43 19.23 8.97
N LYS F 330 -25.16 20.39 9.57
CA LYS F 330 -26.20 21.10 10.31
C LYS F 330 -27.28 21.65 9.38
N ASP F 331 -26.90 22.07 8.17
CA ASP F 331 -27.89 22.54 7.20
C ASP F 331 -28.84 21.43 6.78
N GLY F 332 -28.33 20.24 6.53
CA GLY F 332 -29.20 19.13 6.16
C GLY F 332 -28.49 18.14 5.27
N CYS F 333 -29.29 17.34 4.58
CA CYS F 333 -28.82 16.39 3.59
C CYS F 333 -28.29 17.08 2.35
N TRP F 334 -27.12 16.63 1.87
CA TRP F 334 -26.65 16.89 0.52
C TRP F 334 -26.46 15.54 -0.15
N TYR F 335 -26.54 15.53 -1.47
CA TYR F 335 -26.37 14.29 -2.20
C TYR F 335 -25.01 14.27 -2.90
N GLY F 336 -24.62 13.10 -3.36
CA GLY F 336 -23.38 12.94 -4.06
C GLY F 336 -23.37 13.69 -5.37
N MET F 337 -22.19 13.77 -5.97
CA MET F 337 -22.00 14.53 -7.19
C MET F 337 -22.76 13.94 -8.36
N GLU F 338 -22.98 12.62 -8.36
CA GLU F 338 -23.60 11.90 -9.46
C GLU F 338 -25.12 11.92 -9.41
N ILE F 339 -25.72 12.40 -8.34
CA ILE F 339 -27.15 12.25 -8.10
C ILE F 339 -27.81 13.61 -8.31
N ARG F 340 -28.70 13.69 -9.29
CA ARG F 340 -29.33 14.93 -9.72
C ARG F 340 -30.84 14.83 -9.58
N PRO F 341 -31.53 15.95 -9.42
CA PRO F 341 -32.99 15.90 -9.30
C PRO F 341 -33.63 15.44 -10.60
N ARG F 342 -34.78 14.81 -10.46
CA ARG F 342 -35.45 14.17 -11.59
C ARG F 342 -36.43 15.09 -12.31
N LYS F 343 -37.09 15.99 -11.60
CA LYS F 343 -38.04 16.92 -12.20
C LYS F 343 -37.70 18.38 -11.96
N GLU F 344 -37.31 18.75 -10.75
CA GLU F 344 -37.11 20.14 -10.40
C GLU F 344 -35.86 20.68 -11.08
N PRO F 345 -35.92 21.85 -11.72
CA PRO F 345 -34.70 22.41 -12.32
C PRO F 345 -33.63 22.69 -11.27
N GLU F 346 -32.38 22.48 -11.66
CA GLU F 346 -31.24 22.63 -10.75
C GLU F 346 -30.98 24.08 -10.35
N SER F 347 -31.54 25.05 -11.06
CA SER F 347 -31.38 26.43 -10.67
C SER F 347 -32.22 26.80 -9.46
N ASN F 348 -33.11 25.91 -9.02
CA ASN F 348 -33.97 26.13 -7.88
C ASN F 348 -33.45 25.48 -6.61
N LEU F 349 -32.24 24.94 -6.64
CA LEU F 349 -31.68 24.22 -5.50
C LEU F 349 -30.45 24.95 -5.00
N VAL F 350 -29.97 24.53 -3.83
CA VAL F 350 -28.75 25.06 -3.25
C VAL F 350 -27.60 24.14 -3.64
N ARG F 351 -26.59 24.70 -4.30
CA ARG F 351 -25.42 23.95 -4.72
C ARG F 351 -24.19 24.44 -3.97
N SER F 352 -23.16 23.59 -3.94
CA SER F 352 -21.95 23.90 -3.20
C SER F 352 -20.99 24.70 -4.07
N MET F 353 -20.31 25.67 -3.47
CA MET F 353 -19.52 26.64 -4.19
C MET F 353 -18.01 26.46 -4.01
N VAL F 354 -17.56 25.35 -3.42
CA VAL F 354 -16.14 25.11 -3.20
C VAL F 354 -15.70 23.89 -3.99
N THR F 355 -14.40 23.82 -4.26
CA THR F 355 -13.79 22.69 -4.94
C THR F 355 -12.43 22.41 -4.31
N ALA F 356 -11.95 21.20 -4.48
CA ALA F 356 -10.69 20.80 -3.88
C ALA F 356 -9.54 20.89 -4.88
#